data_1VLU
#
_entry.id   1VLU
#
_cell.length_a   123.041
_cell.length_b   191.081
_cell.length_c   125.570
_cell.angle_alpha   90.00
_cell.angle_beta   90.00
_cell.angle_gamma   90.00
#
_symmetry.space_group_name_H-M   'C 2 2 21'
#
loop_
_entity.id
_entity.type
_entity.pdbx_description
1 polymer 'Gamma-glutamyl phosphate reductase'
2 non-polymer 'CHLORIDE ION'
3 water water
#
_entity_poly.entity_id   1
_entity_poly.type   'polypeptide(L)'
_entity_poly.pdbx_seq_one_letter_code
;(MSE)GSDKIHHHHHH(MSE)SSSQQIAKNARKAGNILKTISNEGRSDILYKIHDALKANAHAIEEANKIDLAVAKETGL
ADSLLKRLDLFKGDKFEV(MSE)LQGIKDVAELEDPVGKVK(MSE)ARELDDGLTLYQVTAPVGVLLVIFESRPEVIANI
TALSIKSGNAAILKGGKESVNTFRE(MSE)AKIVNDTIAQFQSETGVPVGSVQLIETRQDVSDLLDQDEYIDLVVPRGSN
ALVRKIKDTTKIPVLGHADGICSIYLDEDADLIKAKRISLDAKTNYPAGCNA(MSE)ETLLINPKFSKWWEVLENLTLEG
GVTIHATKDLKTAYFDKLNELGKLTEAIQCKTVDADEEQDFDKEFLSLDLAAKFVTSTESAIQHINTHSSRHTDAIVTEN
KANAEKF(MSE)KGVDSSGVYWNASTRFADGFRYGFGAEVGISTSKIHARGPVGLDGLVSYQYQIRGDGQVASDYLGAGG
NKAFVHKDLDIKTVTL
;
_entity_poly.pdbx_strand_id   A,B
#
# COMPACT_ATOMS: atom_id res chain seq x y z
N HIS A 12 40.43 18.01 -22.83
CA HIS A 12 40.15 17.11 -23.99
C HIS A 12 38.75 16.48 -23.88
N SER A 14 36.47 13.23 -24.90
CA SER A 14 36.42 11.83 -25.36
C SER A 14 35.28 11.58 -26.35
N SER A 15 35.39 10.46 -27.06
CA SER A 15 34.38 9.99 -28.01
C SER A 15 32.96 9.97 -27.40
N SER A 16 32.83 9.35 -26.23
CA SER A 16 31.59 9.24 -25.49
C SER A 16 31.10 10.58 -25.00
N GLN A 17 32.02 11.46 -24.63
CA GLN A 17 31.63 12.81 -24.20
C GLN A 17 31.04 13.58 -25.35
N GLN A 18 31.63 13.43 -26.53
CA GLN A 18 31.17 14.16 -27.72
C GLN A 18 29.80 13.65 -28.20
N ILE A 19 29.66 12.33 -28.18
CA ILE A 19 28.39 11.69 -28.45
C ILE A 19 27.30 12.23 -27.53
N ALA A 20 27.55 12.22 -26.22
CA ALA A 20 26.57 12.67 -25.25
C ALA A 20 26.26 14.16 -25.36
N LYS A 21 27.28 14.97 -25.65
CA LYS A 21 27.13 16.39 -25.82
C LYS A 21 26.27 16.75 -27.04
N ASN A 22 26.53 16.08 -28.16
CA ASN A 22 25.75 16.22 -29.39
C ASN A 22 24.29 15.81 -29.24
N ALA A 23 24.05 14.78 -28.43
CA ALA A 23 22.72 14.35 -28.05
C ALA A 23 21.96 15.43 -27.29
N ARG A 24 22.64 16.09 -26.34
CA ARG A 24 22.06 17.17 -25.58
C ARG A 24 21.70 18.35 -26.48
N LYS A 25 22.58 18.68 -27.41
CA LYS A 25 22.36 19.73 -28.39
C LYS A 25 21.17 19.40 -29.28
N ALA A 26 21.15 18.18 -29.85
CA ALA A 26 20.05 17.69 -30.66
C ALA A 26 18.70 17.72 -29.94
N GLY A 27 18.68 17.26 -28.67
CA GLY A 27 17.49 17.27 -27.85
C GLY A 27 16.94 18.67 -27.62
N ASN A 28 17.83 19.64 -27.45
CA ASN A 28 17.43 21.02 -27.21
C ASN A 28 16.75 21.69 -28.40
N ILE A 29 16.97 21.13 -29.60
CA ILE A 29 16.28 21.53 -30.81
C ILE A 29 15.03 20.68 -30.99
N LEU A 30 15.19 19.37 -30.85
CA LEU A 30 14.10 18.42 -31.03
C LEU A 30 12.88 18.76 -30.16
N LYS A 31 13.13 19.18 -28.92
CA LYS A 31 12.04 19.53 -27.98
C LYS A 31 11.11 20.66 -28.46
N THR A 32 11.60 21.50 -29.38
CA THR A 32 10.88 22.68 -29.89
C THR A 32 10.27 22.49 -31.31
N ILE A 33 10.44 21.29 -31.86
CA ILE A 33 9.87 20.94 -33.15
C ILE A 33 8.43 20.52 -32.91
N SER A 34 7.55 20.94 -33.84
CA SER A 34 6.11 20.65 -33.75
C SER A 34 5.81 19.17 -33.81
N ASN A 35 4.64 18.77 -33.33
CA ASN A 35 4.18 17.39 -33.44
C ASN A 35 4.08 16.89 -34.89
N GLU A 36 3.66 17.76 -35.80
CA GLU A 36 3.57 17.43 -37.23
C GLU A 36 4.95 17.09 -37.79
N GLY A 37 5.97 17.84 -37.35
CA GLY A 37 7.35 17.60 -37.75
C GLY A 37 7.92 16.33 -37.15
N ARG A 38 7.69 16.11 -35.86
CA ARG A 38 8.14 14.89 -35.20
C ARG A 38 7.39 13.64 -35.69
N SER A 39 6.09 13.75 -35.92
CA SER A 39 5.31 12.63 -36.44
C SER A 39 5.65 12.32 -37.90
N ASP A 40 5.95 13.38 -38.67
CA ASP A 40 6.23 13.27 -40.09
C ASP A 40 7.48 12.45 -40.35
N ILE A 41 8.55 12.74 -39.63
CA ILE A 41 9.78 11.99 -39.77
C ILE A 41 9.57 10.51 -39.44
N LEU A 42 8.61 10.21 -38.55
CA LEU A 42 8.31 8.81 -38.22
C LEU A 42 7.65 8.06 -39.37
N TYR A 43 6.84 8.77 -40.16
CA TYR A 43 6.20 8.21 -41.35
C TYR A 43 7.20 7.94 -42.45
N LYS A 44 8.15 8.87 -42.63
CA LYS A 44 9.22 8.70 -43.61
C LYS A 44 10.13 7.53 -43.24
N ILE A 45 10.43 7.38 -41.95
CA ILE A 45 11.28 6.30 -41.44
C ILE A 45 10.61 4.94 -41.59
N HIS A 46 9.30 4.90 -41.31
CA HIS A 46 8.48 3.70 -41.55
C HIS A 46 8.57 3.28 -43.01
N ASP A 47 8.49 4.27 -43.91
CA ASP A 47 8.52 4.03 -45.36
C ASP A 47 9.89 3.54 -45.82
N ALA A 48 10.93 4.20 -45.31
CA ALA A 48 12.30 3.84 -45.65
C ALA A 48 12.64 2.41 -45.18
N LEU A 49 12.16 2.03 -43.99
CA LEU A 49 12.41 0.67 -43.47
C LEU A 49 11.65 -0.38 -44.26
N LYS A 50 10.43 -0.06 -44.66
CA LYS A 50 9.63 -0.97 -45.46
C LYS A 50 10.26 -1.13 -46.84
N ALA A 51 10.59 -0.01 -47.50
CA ALA A 51 11.23 -0.06 -48.81
C ALA A 51 12.54 -0.83 -48.82
N ASN A 52 13.21 -0.89 -47.66
CA ASN A 52 14.50 -1.58 -47.56
C ASN A 52 14.46 -2.89 -46.80
N ALA A 53 13.26 -3.48 -46.74
CA ALA A 53 12.99 -4.67 -45.92
C ALA A 53 13.89 -5.83 -46.30
N HIS A 54 14.01 -6.04 -47.61
CA HIS A 54 14.81 -7.11 -48.16
C HIS A 54 16.29 -7.01 -47.76
N ALA A 55 16.85 -5.79 -47.79
CA ALA A 55 18.22 -5.55 -47.35
C ALA A 55 18.40 -5.82 -45.84
N ILE A 56 17.42 -5.42 -45.04
CA ILE A 56 17.40 -5.70 -43.60
C ILE A 56 17.35 -7.21 -43.31
N GLU A 57 16.42 -7.90 -44.00
CA GLU A 57 16.27 -9.37 -43.92
C GLU A 57 17.54 -10.16 -44.24
N GLU A 58 18.29 -9.70 -45.22
CA GLU A 58 19.54 -10.34 -45.58
C GLU A 58 20.58 -10.17 -44.47
N ALA A 59 20.58 -9.00 -43.83
CA ALA A 59 21.56 -8.69 -42.78
C ALA A 59 21.24 -9.46 -41.51
N ASN A 60 19.94 -9.58 -41.22
CA ASN A 60 19.47 -10.40 -40.13
C ASN A 60 19.78 -11.89 -40.37
N LYS A 61 19.62 -12.35 -41.62
CA LYS A 61 20.05 -13.72 -42.01
C LYS A 61 21.51 -14.02 -41.68
N ILE A 62 22.43 -13.10 -41.97
CA ILE A 62 23.83 -13.27 -41.57
C ILE A 62 23.92 -13.38 -40.05
N ASP A 63 23.18 -12.53 -39.33
CA ASP A 63 23.23 -12.51 -37.87
C ASP A 63 22.77 -13.81 -37.22
N LEU A 64 21.62 -14.33 -37.67
CA LEU A 64 21.09 -15.61 -37.18
C LEU A 64 22.07 -16.76 -37.41
N ALA A 65 22.58 -16.87 -38.63
CA ALA A 65 23.52 -17.93 -38.99
C ALA A 65 24.85 -17.79 -38.24
N VAL A 66 25.32 -16.57 -38.03
CA VAL A 66 26.54 -16.36 -37.23
C VAL A 66 26.31 -16.80 -35.78
N ALA A 67 25.16 -16.43 -35.22
CA ALA A 67 24.80 -16.78 -33.85
C ALA A 67 24.65 -18.29 -33.64
N LYS A 68 23.96 -18.95 -34.57
CA LYS A 68 23.84 -20.42 -34.56
C LYS A 68 25.20 -21.12 -34.51
N GLU A 69 26.11 -20.69 -35.39
CA GLU A 69 27.43 -21.32 -35.51
C GLU A 69 28.38 -21.02 -34.35
N THR A 70 28.15 -19.92 -33.65
CA THR A 70 28.84 -19.66 -32.39
C THR A 70 27.96 -20.09 -31.22
N GLY A 71 28.31 -19.63 -30.02
CA GLY A 71 27.51 -19.92 -28.84
C GLY A 71 26.40 -18.90 -28.65
N LEU A 72 25.17 -19.29 -28.99
CA LEU A 72 24.01 -18.48 -28.62
C LEU A 72 22.81 -19.35 -28.20
N ALA A 73 22.15 -18.94 -27.12
CA ALA A 73 21.05 -19.69 -26.52
C ALA A 73 19.74 -19.50 -27.30
N ASP A 74 19.11 -20.61 -27.68
CA ASP A 74 17.92 -20.64 -28.55
C ASP A 74 16.81 -19.64 -28.16
N SER A 75 16.90 -19.11 -26.95
CA SER A 75 15.98 -18.08 -26.47
C SER A 75 16.30 -16.73 -27.11
N LEU A 76 17.55 -16.26 -26.95
CA LEU A 76 18.03 -15.01 -27.56
C LEU A 76 18.02 -15.10 -29.10
N LEU A 77 18.31 -16.29 -29.61
CA LEU A 77 18.29 -16.57 -31.03
C LEU A 77 16.91 -16.31 -31.63
N LYS A 78 15.86 -16.67 -30.87
CA LYS A 78 14.48 -16.43 -31.30
C LYS A 78 14.11 -14.95 -31.24
N ARG A 79 14.74 -14.22 -30.32
CA ARG A 79 14.60 -12.76 -30.23
C ARG A 79 15.33 -12.02 -31.35
N LEU A 80 16.37 -12.67 -31.88
CA LEU A 80 17.22 -12.15 -32.94
C LEU A 80 16.56 -12.15 -34.31
N ASP A 81 15.63 -13.10 -34.54
CA ASP A 81 14.96 -13.25 -35.84
C ASP A 81 13.84 -12.24 -36.06
N LEU A 82 14.14 -11.20 -36.83
CA LEU A 82 13.25 -10.06 -37.06
C LEU A 82 12.12 -10.39 -38.05
N PHE A 83 12.29 -11.47 -38.80
CA PHE A 83 11.40 -11.79 -39.92
C PHE A 83 10.60 -13.07 -39.74
N LYS A 84 10.74 -13.69 -38.58
CA LYS A 84 9.92 -14.82 -38.14
C LYS A 84 8.48 -14.37 -37.97
N GLY A 85 7.53 -15.14 -38.49
CA GLY A 85 6.13 -14.77 -38.41
C GLY A 85 5.91 -13.38 -38.99
N ASP A 86 5.22 -12.55 -38.23
CA ASP A 86 4.94 -11.18 -38.64
C ASP A 86 5.63 -10.15 -37.74
N LYS A 87 6.77 -10.53 -37.16
CA LYS A 87 7.57 -9.63 -36.31
C LYS A 87 7.90 -8.28 -36.97
N PHE A 88 8.38 -8.31 -38.21
CA PHE A 88 8.77 -7.09 -38.93
C PHE A 88 7.58 -6.19 -39.24
N GLU A 89 6.45 -6.81 -39.57
CA GLU A 89 5.25 -6.07 -39.95
C GLU A 89 4.59 -5.38 -38.75
N VAL A 90 4.71 -6.01 -37.57
CA VAL A 90 4.25 -5.45 -36.29
C VAL A 90 5.12 -4.25 -35.86
N LEU A 92 6.86 -2.33 -37.87
CA LEU A 92 6.53 -1.21 -38.77
C LEU A 92 5.25 -0.52 -38.37
N GLN A 93 4.25 -1.34 -38.05
CA GLN A 93 2.96 -0.89 -37.52
C GLN A 93 3.10 -0.05 -36.23
N GLY A 94 4.00 -0.49 -35.34
CA GLY A 94 4.29 0.26 -34.10
C GLY A 94 4.81 1.67 -34.33
N ILE A 95 5.54 1.88 -35.43
CA ILE A 95 6.05 3.21 -35.75
C ILE A 95 4.87 4.13 -36.07
N LYS A 96 3.92 3.61 -36.85
CA LYS A 96 2.68 4.33 -37.23
C LYS A 96 1.82 4.61 -36.02
N ASP A 97 1.61 3.59 -35.18
CA ASP A 97 0.85 3.74 -33.94
C ASP A 97 1.38 4.89 -33.11
N VAL A 98 2.71 4.95 -32.96
CA VAL A 98 3.36 6.01 -32.21
C VAL A 98 3.21 7.37 -32.90
N ALA A 99 3.42 7.42 -34.21
CA ALA A 99 3.31 8.70 -34.94
C ALA A 99 1.89 9.26 -34.85
N GLU A 100 0.92 8.38 -34.62
CA GLU A 100 -0.50 8.71 -34.59
C GLU A 100 -0.98 9.14 -33.21
N LEU A 101 -0.18 8.89 -32.18
CA LEU A 101 -0.50 9.31 -30.83
C LEU A 101 -0.61 10.82 -30.75
N GLU A 102 -1.29 11.30 -29.72
CA GLU A 102 -1.38 12.74 -29.44
C GLU A 102 -0.02 13.18 -28.94
N ASP A 103 0.38 14.41 -29.28
CA ASP A 103 1.63 14.99 -28.79
C ASP A 103 1.80 14.74 -27.28
N PRO A 104 2.85 13.97 -26.90
CA PRO A 104 3.11 13.65 -25.49
C PRO A 104 3.66 14.85 -24.71
N VAL A 105 4.05 15.88 -25.44
CA VAL A 105 4.77 16.99 -24.87
C VAL A 105 3.88 18.25 -24.92
N GLY A 106 3.97 19.07 -23.88
CA GLY A 106 3.16 20.27 -23.81
C GLY A 106 1.76 20.02 -23.30
N LYS A 107 1.50 18.81 -22.82
CA LYS A 107 0.21 18.51 -22.20
C LYS A 107 0.16 19.06 -20.76
N VAL A 108 -0.92 19.76 -20.45
CA VAL A 108 -1.13 20.28 -19.12
C VAL A 108 -1.71 19.19 -18.21
N LYS A 109 -0.92 18.80 -17.22
CA LYS A 109 -1.32 17.77 -16.26
C LYS A 109 -2.08 18.35 -15.11
N ALA A 111 -3.29 22.44 -13.44
CA ALA A 111 -3.37 23.90 -13.48
C ALA A 111 -3.85 24.38 -12.12
N ARG A 112 -3.13 25.31 -11.48
CA ARG A 112 -3.55 25.83 -10.17
C ARG A 112 -3.50 27.36 -10.09
N GLU A 113 -4.66 27.97 -9.87
CA GLU A 113 -4.77 29.42 -9.69
C GLU A 113 -4.22 29.80 -8.32
N LEU A 114 -2.99 30.34 -8.31
CA LEU A 114 -2.26 30.65 -7.08
C LEU A 114 -2.72 31.96 -6.44
N ASP A 115 -3.26 32.85 -7.28
CA ASP A 115 -3.67 34.20 -6.90
C ASP A 115 -4.30 34.78 -8.18
N ASP A 116 -4.99 35.91 -8.09
CA ASP A 116 -5.62 36.53 -9.27
C ASP A 116 -4.57 36.85 -10.35
N GLY A 117 -4.78 36.30 -11.55
CA GLY A 117 -3.83 36.47 -12.65
C GLY A 117 -2.45 35.85 -12.41
N LEU A 118 -2.36 34.94 -11.45
CA LEU A 118 -1.15 34.17 -11.20
C LEU A 118 -1.54 32.69 -11.17
N THR A 119 -1.11 31.96 -12.19
CA THR A 119 -1.50 30.57 -12.38
C THR A 119 -0.28 29.67 -12.58
N LEU A 120 -0.29 28.52 -11.92
CA LEU A 120 0.75 27.51 -12.02
C LEU A 120 0.27 26.35 -12.90
N TYR A 121 1.15 25.90 -13.79
CA TYR A 121 0.86 24.74 -14.62
C TYR A 121 1.92 23.69 -14.45
N GLN A 122 1.49 22.44 -14.47
CA GLN A 122 2.42 21.34 -14.60
C GLN A 122 2.22 20.77 -16.01
N VAL A 123 3.28 20.83 -16.80
CA VAL A 123 3.23 20.56 -18.24
C VAL A 123 4.21 19.41 -18.53
N THR A 124 3.81 18.42 -19.32
CA THR A 124 4.74 17.35 -19.70
C THR A 124 5.85 17.91 -20.62
N ALA A 125 7.04 17.37 -20.46
CA ALA A 125 8.21 17.83 -21.18
C ALA A 125 9.14 16.61 -21.43
N PRO A 126 10.05 16.67 -22.43
CA PRO A 126 10.94 15.49 -22.58
C PRO A 126 11.82 15.25 -21.34
N VAL A 127 12.13 13.99 -21.03
CA VAL A 127 13.13 13.67 -20.01
C VAL A 127 14.47 14.33 -20.35
N GLY A 128 14.85 14.31 -21.63
CA GLY A 128 16.12 14.90 -22.10
C GLY A 128 16.85 14.06 -23.15
N VAL A 129 17.80 13.27 -22.67
CA VAL A 129 18.63 12.39 -23.49
C VAL A 129 18.52 11.01 -22.89
N LEU A 130 18.26 10.03 -23.75
CA LEU A 130 18.09 8.63 -23.38
C LEU A 130 19.28 7.85 -23.89
N LEU A 131 19.81 6.97 -23.04
CA LEU A 131 20.78 5.96 -23.49
C LEU A 131 20.05 4.65 -23.41
N VAL A 132 19.94 3.99 -24.56
CA VAL A 132 19.25 2.73 -24.67
C VAL A 132 20.28 1.66 -24.99
N ILE A 133 20.38 0.68 -24.09
CA ILE A 133 21.29 -0.45 -24.20
C ILE A 133 20.46 -1.73 -24.22
N PHE A 134 20.57 -2.43 -25.34
CA PHE A 134 19.79 -3.63 -25.56
C PHE A 134 20.67 -4.79 -26.01
N GLU A 135 20.20 -5.99 -25.77
CA GLU A 135 20.88 -7.15 -26.29
C GLU A 135 19.92 -8.00 -27.08
N SER A 136 20.35 -8.33 -28.29
CA SER A 136 19.72 -9.30 -29.18
C SER A 136 18.25 -9.10 -29.53
N ARG A 137 17.81 -7.86 -29.66
CA ARG A 137 16.44 -7.63 -30.12
C ARG A 137 16.34 -6.40 -31.02
N PRO A 138 16.57 -6.58 -32.34
CA PRO A 138 16.65 -5.49 -33.32
C PRO A 138 15.37 -4.62 -33.45
N GLU A 139 14.22 -5.15 -33.05
CA GLU A 139 12.96 -4.39 -33.00
C GLU A 139 13.09 -3.09 -32.20
N VAL A 140 13.90 -3.15 -31.13
CA VAL A 140 14.18 -2.01 -30.24
C VAL A 140 14.56 -0.74 -31.00
N ILE A 141 15.45 -0.87 -31.99
CA ILE A 141 15.87 0.26 -32.81
C ILE A 141 14.67 1.06 -33.33
N ALA A 142 13.68 0.37 -33.89
CA ALA A 142 12.48 1.05 -34.39
C ALA A 142 11.57 1.62 -33.29
N ASN A 143 11.32 0.84 -32.23
CA ASN A 143 10.41 1.24 -31.16
C ASN A 143 10.92 2.49 -30.42
N ILE A 144 12.21 2.47 -30.08
CA ILE A 144 12.86 3.54 -29.36
C ILE A 144 13.08 4.78 -30.21
N THR A 145 13.51 4.60 -31.45
CA THR A 145 13.60 5.73 -32.35
C THR A 145 12.23 6.42 -32.43
N ALA A 146 11.16 5.65 -32.63
CA ALA A 146 9.82 6.22 -32.72
C ALA A 146 9.41 6.95 -31.42
N LEU A 147 9.51 6.27 -30.27
CA LEU A 147 9.13 6.87 -28.99
C LEU A 147 9.93 8.08 -28.60
N SER A 148 11.22 8.12 -28.96
CA SER A 148 12.11 9.24 -28.66
C SER A 148 11.79 10.49 -29.43
N ILE A 149 11.65 10.36 -30.74
CA ILE A 149 11.39 11.52 -31.55
C ILE A 149 10.00 12.05 -31.22
N LYS A 150 9.03 11.15 -31.09
CA LYS A 150 7.68 11.52 -30.70
C LYS A 150 7.60 12.28 -29.38
N SER A 151 8.36 11.83 -28.38
CA SER A 151 8.33 12.47 -27.08
C SER A 151 9.32 13.63 -26.92
N GLY A 152 10.08 13.95 -27.97
CA GLY A 152 10.99 15.11 -27.95
C GLY A 152 12.33 14.86 -27.28
N ASN A 153 12.67 13.57 -27.09
CA ASN A 153 13.94 13.17 -26.50
C ASN A 153 14.94 12.77 -27.55
N ALA A 154 16.21 13.11 -27.34
CA ALA A 154 17.27 12.57 -28.16
C ALA A 154 17.62 11.21 -27.58
N ALA A 155 18.07 10.30 -28.44
CA ALA A 155 18.45 8.97 -28.00
C ALA A 155 19.82 8.55 -28.51
N ILE A 156 20.49 7.77 -27.68
CA ILE A 156 21.72 7.05 -28.06
C ILE A 156 21.39 5.57 -27.91
N LEU A 157 21.62 4.80 -28.96
CA LEU A 157 21.36 3.36 -28.99
C LEU A 157 22.66 2.56 -29.10
N LYS A 158 22.79 1.56 -28.24
CA LYS A 158 23.94 0.64 -28.29
C LYS A 158 23.41 -0.78 -28.15
N GLY A 159 23.62 -1.60 -29.18
CA GLY A 159 23.21 -3.00 -29.21
C GLY A 159 24.36 -3.94 -28.90
N GLY A 160 24.04 -5.23 -28.74
CA GLY A 160 25.07 -6.26 -28.55
C GLY A 160 25.67 -6.73 -29.86
N LYS A 161 26.71 -7.56 -29.75
CA LYS A 161 27.41 -8.19 -30.89
C LYS A 161 26.50 -8.99 -31.84
N GLU A 162 25.52 -9.71 -31.29
CA GLU A 162 24.61 -10.60 -32.03
C GLU A 162 23.83 -9.94 -33.18
N SER A 163 23.54 -8.64 -33.07
CA SER A 163 22.75 -7.93 -34.08
C SER A 163 23.53 -6.92 -34.91
N VAL A 164 24.84 -6.93 -34.79
CA VAL A 164 25.72 -6.02 -35.53
C VAL A 164 25.33 -5.73 -36.99
N ASN A 165 24.96 -6.76 -37.74
CA ASN A 165 24.58 -6.62 -39.14
C ASN A 165 23.23 -5.94 -39.34
N THR A 166 22.23 -6.40 -38.59
CA THR A 166 20.89 -5.82 -38.65
C THR A 166 20.91 -4.38 -38.13
N PHE A 167 21.64 -4.17 -37.04
CA PHE A 167 21.87 -2.84 -36.48
C PHE A 167 22.46 -1.86 -37.50
N ARG A 168 23.58 -2.25 -38.12
CA ARG A 168 24.21 -1.51 -39.24
C ARG A 168 23.26 -1.08 -40.36
N GLU A 169 22.54 -2.04 -40.95
CA GLU A 169 21.57 -1.73 -41.99
C GLU A 169 20.46 -0.77 -41.57
N ALA A 171 20.43 1.35 -38.84
CA ALA A 171 21.09 2.64 -38.59
C ALA A 171 21.28 3.45 -39.86
N LYS A 172 21.80 2.83 -40.91
CA LYS A 172 21.99 3.49 -42.20
C LYS A 172 20.70 4.12 -42.71
N ILE A 173 19.60 3.37 -42.61
CA ILE A 173 18.32 3.84 -43.14
C ILE A 173 17.73 4.99 -42.32
N VAL A 174 17.85 4.92 -41.00
CA VAL A 174 17.34 5.97 -40.12
C VAL A 174 18.21 7.23 -40.26
N ASN A 175 19.53 7.05 -40.24
CA ASN A 175 20.50 8.16 -40.36
C ASN A 175 20.24 8.94 -41.65
N ASP A 176 20.23 8.20 -42.75
CA ASP A 176 19.92 8.72 -44.08
C ASP A 176 18.58 9.43 -44.19
N THR A 177 17.53 8.85 -43.59
CA THR A 177 16.20 9.43 -43.66
C THR A 177 16.14 10.72 -42.85
N ILE A 178 16.75 10.72 -41.66
CA ILE A 178 16.76 11.92 -40.84
C ILE A 178 17.52 13.05 -41.58
N ALA A 179 18.66 12.73 -42.17
CA ALA A 179 19.45 13.70 -42.95
C ALA A 179 18.65 14.24 -44.15
N GLN A 180 18.08 13.32 -44.93
CA GLN A 180 17.30 13.63 -46.13
C GLN A 180 16.11 14.57 -45.90
N PHE A 181 15.45 14.46 -44.74
CA PHE A 181 14.20 15.19 -44.51
C PHE A 181 14.28 16.27 -43.43
N GLN A 182 15.49 16.62 -43.00
CA GLN A 182 15.73 17.63 -41.95
C GLN A 182 15.09 19.00 -42.23
N SER A 183 15.33 19.53 -43.43
CA SER A 183 14.79 20.84 -43.85
C SER A 183 13.25 20.83 -43.93
N GLU A 184 12.68 19.68 -44.26
CA GLU A 184 11.24 19.52 -44.29
C GLU A 184 10.61 19.34 -42.89
N THR A 185 11.28 18.61 -42.00
CA THR A 185 10.66 18.21 -40.71
C THR A 185 11.12 19.02 -39.49
N GLY A 186 12.34 19.53 -39.55
CA GLY A 186 12.92 20.27 -38.44
C GLY A 186 13.74 19.35 -37.56
N VAL A 187 13.47 18.04 -37.64
CA VAL A 187 14.10 17.03 -36.78
C VAL A 187 15.58 16.91 -37.13
N PRO A 188 16.46 17.31 -36.21
CA PRO A 188 17.88 17.41 -36.54
C PRO A 188 18.62 16.09 -36.61
N VAL A 189 19.64 16.06 -37.46
CA VAL A 189 20.66 15.00 -37.47
C VAL A 189 21.24 14.91 -36.03
N GLY A 190 21.39 13.70 -35.50
CA GLY A 190 21.81 13.56 -34.09
C GLY A 190 20.68 13.36 -33.09
N SER A 191 19.42 13.55 -33.52
CA SER A 191 18.27 13.27 -32.66
C SER A 191 18.37 11.83 -32.13
N VAL A 192 18.78 10.93 -33.01
CA VAL A 192 19.04 9.52 -32.69
C VAL A 192 20.46 9.15 -33.12
N GLN A 193 21.32 8.73 -32.20
CA GLN A 193 22.66 8.25 -32.61
C GLN A 193 22.79 6.78 -32.33
N LEU A 194 23.13 6.05 -33.38
CA LEU A 194 23.19 4.61 -33.32
C LEU A 194 24.66 4.25 -33.29
N ILE A 195 25.16 3.91 -32.10
CA ILE A 195 26.59 3.65 -31.86
C ILE A 195 27.01 2.29 -32.41
N GLU A 196 27.80 2.33 -33.49
CA GLU A 196 28.30 1.12 -34.14
C GLU A 196 29.67 0.78 -33.57
N THR A 197 29.69 0.24 -32.35
CA THR A 197 30.93 -0.18 -31.65
C THR A 197 32.15 0.70 -32.00
N ARG A 198 32.13 1.95 -31.52
CA ARG A 198 33.16 2.93 -31.81
C ARG A 198 33.67 3.61 -30.55
N VAL A 201 31.55 3.67 -26.24
CA VAL A 201 32.06 2.68 -25.28
C VAL A 201 31.35 2.74 -23.92
N SER A 202 31.88 2.03 -22.92
CA SER A 202 31.25 2.01 -21.58
C SER A 202 31.44 3.33 -20.81
N ASP A 203 32.25 4.22 -21.41
CA ASP A 203 32.38 5.61 -20.98
C ASP A 203 31.07 6.42 -21.07
N LEU A 204 30.13 5.99 -21.92
CA LEU A 204 28.81 6.61 -22.04
C LEU A 204 28.00 6.60 -20.76
N LEU A 205 28.15 5.54 -19.97
CA LEU A 205 27.52 5.42 -18.66
C LEU A 205 28.07 6.40 -17.60
N ASP A 206 29.18 7.06 -17.92
CA ASP A 206 29.76 8.10 -17.07
C ASP A 206 29.27 9.52 -17.44
N GLN A 207 28.46 9.63 -18.49
CA GLN A 207 28.08 10.96 -19.00
C GLN A 207 26.82 11.50 -18.36
N ASP A 208 26.71 11.43 -17.04
CA ASP A 208 25.50 11.87 -16.38
C ASP A 208 25.26 13.38 -16.32
N GLU A 209 26.21 14.19 -16.81
CA GLU A 209 25.95 15.62 -17.00
C GLU A 209 25.11 15.86 -18.24
N TYR A 210 25.11 14.90 -19.17
CA TYR A 210 24.44 15.06 -20.44
C TYR A 210 23.29 14.07 -20.64
N ILE A 211 23.37 12.91 -19.98
CA ILE A 211 22.38 11.85 -20.17
C ILE A 211 21.51 11.75 -18.96
N ASP A 212 20.19 11.79 -19.21
CA ASP A 212 19.18 11.82 -18.16
C ASP A 212 18.55 10.50 -17.78
N LEU A 213 18.56 9.51 -18.68
CA LEU A 213 17.93 8.23 -18.39
C LEU A 213 18.55 7.13 -19.19
N VAL A 214 18.76 5.99 -18.56
CA VAL A 214 19.18 4.79 -19.23
C VAL A 214 18.01 3.87 -19.36
N VAL A 215 17.78 3.38 -20.58
CA VAL A 215 16.70 2.42 -20.81
C VAL A 215 17.33 1.06 -21.17
N PRO A 216 17.33 0.11 -20.21
CA PRO A 216 17.89 -1.20 -20.55
C PRO A 216 16.85 -2.12 -21.18
N ARG A 217 17.23 -2.76 -22.29
CA ARG A 217 16.35 -3.72 -22.95
C ARG A 217 17.08 -5.07 -23.13
N GLY A 218 17.13 -5.86 -22.06
CA GLY A 218 17.77 -7.16 -22.09
C GLY A 218 17.59 -7.97 -20.82
N SER A 219 18.66 -8.65 -20.41
CA SER A 219 18.60 -9.55 -19.26
C SER A 219 18.83 -8.83 -17.92
N ASN A 220 18.56 -9.55 -16.82
CA ASN A 220 18.82 -9.07 -15.47
C ASN A 220 20.30 -8.80 -15.21
N ALA A 221 21.15 -9.61 -15.82
CA ALA A 221 22.59 -9.45 -15.72
C ALA A 221 23.06 -8.13 -16.32
N LEU A 222 22.43 -7.73 -17.42
CA LEU A 222 22.70 -6.46 -18.10
C LEU A 222 22.31 -5.27 -17.22
N VAL A 223 21.10 -5.33 -16.64
CA VAL A 223 20.61 -4.33 -15.69
C VAL A 223 21.56 -4.16 -14.50
N ARG A 224 21.96 -5.26 -13.87
CA ARG A 224 22.92 -5.26 -12.76
C ARG A 224 24.23 -4.61 -13.12
N LYS A 225 24.74 -4.93 -14.30
CA LYS A 225 25.98 -4.35 -14.79
C LYS A 225 25.84 -2.84 -14.96
N ILE A 226 24.76 -2.42 -15.63
CA ILE A 226 24.45 -1.00 -15.84
C ILE A 226 24.31 -0.28 -14.51
N LYS A 227 23.50 -0.81 -13.60
CA LYS A 227 23.34 -0.20 -12.29
C LYS A 227 24.66 0.05 -11.56
N ASP A 228 25.60 -0.88 -11.65
CA ASP A 228 26.88 -0.74 -10.95
C ASP A 228 27.90 0.16 -11.65
N THR A 229 27.61 0.58 -12.88
CA THR A 229 28.57 1.36 -13.65
C THR A 229 28.06 2.74 -14.01
N THR A 230 27.02 3.21 -13.32
CA THR A 230 26.41 4.47 -13.71
C THR A 230 25.77 5.22 -12.57
N LYS A 231 25.76 6.55 -12.70
CA LYS A 231 25.00 7.43 -11.81
C LYS A 231 23.74 8.00 -12.48
N ILE A 232 23.61 7.81 -13.79
CA ILE A 232 22.40 8.15 -14.56
C ILE A 232 21.26 7.26 -14.08
N PRO A 233 20.09 7.84 -13.75
CA PRO A 233 18.93 6.97 -13.43
C PRO A 233 18.62 5.91 -14.50
N VAL A 234 18.22 4.72 -14.03
CA VAL A 234 17.86 3.62 -14.87
C VAL A 234 16.35 3.42 -14.83
N LEU A 235 15.72 3.44 -16.00
CA LEU A 235 14.27 3.29 -16.10
C LEU A 235 13.81 2.01 -15.44
N GLY A 236 12.92 2.14 -14.46
CA GLY A 236 12.34 0.99 -13.77
C GLY A 236 13.20 0.42 -12.66
N HIS A 237 14.27 1.11 -12.26
CA HIS A 237 15.23 0.58 -11.26
C HIS A 237 15.89 1.69 -10.48
N ALA A 238 15.16 2.26 -9.52
CA ALA A 238 15.71 3.36 -8.72
C ALA A 238 16.73 2.86 -7.71
N ASP A 239 16.56 1.63 -7.22
CA ASP A 239 17.43 1.09 -6.18
C ASP A 239 18.57 0.25 -6.73
N GLY A 240 19.69 0.30 -6.03
CA GLY A 240 20.83 -0.56 -6.34
C GLY A 240 20.63 -1.99 -5.87
N ILE A 241 21.64 -2.83 -6.11
CA ILE A 241 21.63 -4.20 -5.65
C ILE A 241 21.72 -4.29 -4.13
N CYS A 242 20.75 -5.00 -3.53
CA CYS A 242 20.70 -5.25 -2.09
C CYS A 242 21.21 -6.63 -1.72
N SER A 243 22.11 -6.68 -0.75
CA SER A 243 22.78 -7.92 -0.37
C SER A 243 22.37 -8.42 1.02
N ILE A 244 22.28 -9.73 1.16
CA ILE A 244 22.14 -10.36 2.46
C ILE A 244 23.37 -11.23 2.66
N TYR A 245 24.15 -10.92 3.69
CA TYR A 245 25.25 -11.76 4.07
C TYR A 245 24.87 -12.75 5.16
N LEU A 246 24.95 -14.04 4.82
CA LEU A 246 24.70 -15.13 5.73
C LEU A 246 26.02 -15.64 6.28
N ASP A 247 26.33 -15.17 7.49
CA ASP A 247 27.62 -15.36 8.14
C ASP A 247 27.81 -16.81 8.58
N GLU A 248 29.07 -17.17 8.85
CA GLU A 248 29.41 -18.46 9.42
C GLU A 248 28.49 -18.82 10.62
N ASP A 249 28.19 -17.84 11.47
CA ASP A 249 27.33 -18.02 12.64
C ASP A 249 25.89 -17.55 12.47
N ALA A 250 25.42 -17.47 11.22
CA ALA A 250 24.00 -17.31 10.94
C ALA A 250 23.16 -18.40 11.59
N ASP A 251 22.11 -17.99 12.29
CA ASP A 251 21.05 -18.90 12.69
C ASP A 251 20.30 -19.32 11.42
N LEU A 252 20.08 -20.63 11.29
CA LEU A 252 19.50 -21.20 10.08
C LEU A 252 18.01 -20.92 9.89
N ILE A 253 17.24 -20.96 10.98
CA ILE A 253 15.82 -20.60 10.95
C ILE A 253 15.65 -19.12 10.55
N LYS A 254 16.40 -18.22 11.21
CA LYS A 254 16.41 -16.80 10.83
C LYS A 254 16.88 -16.58 9.40
N ALA A 255 17.97 -17.23 9.01
CA ALA A 255 18.52 -17.10 7.67
C ALA A 255 17.50 -17.47 6.59
N LYS A 256 16.69 -18.49 6.89
CA LYS A 256 15.66 -18.98 5.98
C LYS A 256 14.51 -18.01 5.85
N ARG A 257 14.00 -17.53 6.97
CA ARG A 257 12.86 -16.62 6.95
C ARG A 257 13.25 -15.25 6.37
N ILE A 258 14.32 -14.65 6.88
CA ILE A 258 14.81 -13.37 6.36
C ILE A 258 15.02 -13.43 4.85
N SER A 259 15.69 -14.47 4.36
CA SER A 259 16.03 -14.55 2.95
C SER A 259 14.83 -14.83 2.03
N LEU A 260 13.86 -15.61 2.54
CA LEU A 260 12.62 -15.87 1.79
C LEU A 260 11.76 -14.62 1.69
N ASP A 261 11.70 -13.86 2.78
CA ASP A 261 10.91 -12.64 2.86
C ASP A 261 11.35 -11.56 1.87
N ALA A 262 12.61 -11.61 1.45
CA ALA A 262 13.15 -10.67 0.48
C ALA A 262 12.58 -10.94 -0.90
N LYS A 263 12.00 -12.13 -1.07
CA LYS A 263 11.31 -12.50 -2.31
C LYS A 263 9.83 -12.15 -2.25
N THR A 264 9.14 -12.71 -1.27
CA THR A 264 7.69 -12.56 -1.11
C THR A 264 7.27 -11.16 -0.60
N ASN A 265 7.77 -10.12 -1.26
CA ASN A 265 7.42 -8.73 -0.94
C ASN A 265 7.42 -7.78 -2.16
N CYS A 270 8.33 -9.10 -5.86
CA CYS A 270 8.71 -7.69 -5.89
C CYS A 270 9.81 -7.40 -6.92
N ASN A 271 9.73 -6.24 -7.56
CA ASN A 271 10.72 -5.79 -8.55
C ASN A 271 11.98 -5.21 -7.88
N ALA A 272 12.91 -6.10 -7.53
CA ALA A 272 14.11 -5.71 -6.80
C ALA A 272 15.28 -6.63 -7.16
N GLU A 274 18.54 -8.56 -5.83
CA GLU A 274 19.07 -9.06 -4.57
C GLU A 274 20.22 -10.02 -4.79
N THR A 275 21.23 -9.91 -3.94
CA THR A 275 22.30 -10.89 -3.89
C THR A 275 22.33 -11.54 -2.50
N LEU A 276 22.51 -12.86 -2.50
CA LEU A 276 22.74 -13.62 -1.31
C LEU A 276 24.23 -13.91 -1.21
N LEU A 277 24.87 -13.39 -0.18
CA LEU A 277 26.28 -13.65 0.03
C LEU A 277 26.39 -14.71 1.12
N ILE A 278 26.95 -15.87 0.76
CA ILE A 278 26.93 -17.04 1.63
C ILE A 278 28.32 -17.39 2.13
N ASN A 279 28.49 -17.45 3.44
CA ASN A 279 29.71 -18.02 3.99
C ASN A 279 29.68 -19.55 3.89
N PRO A 280 30.70 -20.15 3.24
CA PRO A 280 30.80 -21.61 3.07
C PRO A 280 30.75 -22.37 4.40
N LYS A 281 31.28 -21.77 5.46
CA LYS A 281 31.29 -22.36 6.79
C LYS A 281 29.95 -22.23 7.53
N PHE A 282 28.97 -21.58 6.91
CA PHE A 282 27.61 -21.54 7.46
C PHE A 282 26.99 -22.92 7.19
N SER A 283 26.66 -23.64 8.27
CA SER A 283 26.17 -25.02 8.15
C SER A 283 24.78 -25.06 7.56
N LYS A 284 24.60 -25.98 6.61
CA LYS A 284 23.30 -26.21 5.96
C LYS A 284 22.87 -25.02 5.11
N TRP A 285 23.85 -24.24 4.66
CA TRP A 285 23.61 -23.04 3.85
C TRP A 285 22.81 -23.37 2.59
N TRP A 286 22.90 -24.63 2.14
CA TRP A 286 22.18 -25.10 0.96
C TRP A 286 20.69 -25.23 1.24
N GLU A 287 20.32 -25.51 2.49
CA GLU A 287 18.91 -25.63 2.87
C GLU A 287 18.18 -24.30 2.71
N VAL A 288 18.95 -23.23 2.74
CA VAL A 288 18.46 -21.87 2.55
C VAL A 288 18.10 -21.63 1.08
N LEU A 289 19.01 -22.01 0.17
CA LEU A 289 18.74 -21.93 -1.28
C LEU A 289 17.62 -22.89 -1.71
N GLU A 290 17.65 -24.11 -1.19
CA GLU A 290 16.60 -25.07 -1.53
C GLU A 290 15.26 -24.62 -0.96
N ASN A 291 15.29 -23.95 0.19
CA ASN A 291 14.07 -23.38 0.77
C ASN A 291 13.52 -22.22 -0.09
N LEU A 292 14.40 -21.46 -0.73
CA LEU A 292 13.96 -20.38 -1.60
C LEU A 292 13.34 -20.91 -2.88
N THR A 293 13.92 -21.98 -3.42
CA THR A 293 13.46 -22.56 -4.67
C THR A 293 12.15 -23.32 -4.49
N LEU A 294 12.10 -24.27 -3.57
CA LEU A 294 10.92 -25.12 -3.44
C LEU A 294 9.94 -24.68 -2.35
N GLU A 295 10.02 -23.42 -1.94
CA GLU A 295 9.02 -22.85 -1.04
C GLU A 295 8.59 -21.46 -1.49
N GLY A 296 9.50 -20.74 -2.15
CA GLY A 296 9.18 -19.42 -2.71
C GLY A 296 9.20 -19.42 -4.23
N GLY A 297 9.41 -20.59 -4.83
CA GLY A 297 9.49 -20.72 -6.28
C GLY A 297 10.52 -19.79 -6.91
N VAL A 298 11.57 -19.48 -6.15
CA VAL A 298 12.60 -18.53 -6.58
C VAL A 298 13.68 -19.19 -7.43
N THR A 299 13.99 -18.56 -8.57
CA THR A 299 15.14 -18.95 -9.40
C THR A 299 16.41 -18.30 -8.87
N ILE A 300 17.46 -19.10 -8.77
CA ILE A 300 18.72 -18.67 -8.17
C ILE A 300 19.80 -18.58 -9.24
N HIS A 301 20.29 -17.36 -9.45
CA HIS A 301 21.37 -17.15 -10.41
C HIS A 301 22.73 -17.26 -9.74
N ALA A 302 23.26 -18.49 -9.73
CA ALA A 302 24.48 -18.83 -8.99
C ALA A 302 25.74 -18.56 -9.81
N THR A 303 26.85 -18.31 -9.11
CA THR A 303 28.17 -18.32 -9.75
C THR A 303 28.53 -19.78 -9.94
N LYS A 304 29.43 -20.06 -10.89
CA LYS A 304 29.80 -21.44 -11.23
C LYS A 304 30.24 -22.23 -9.99
N ASP A 305 31.18 -21.68 -9.21
CA ASP A 305 31.75 -22.40 -8.06
C ASP A 305 30.74 -22.70 -6.95
N LEU A 306 29.74 -21.84 -6.79
CA LEU A 306 28.69 -22.02 -5.78
C LEU A 306 27.67 -23.09 -6.20
N LYS A 307 27.18 -22.99 -7.44
CA LYS A 307 26.31 -24.03 -8.04
C LYS A 307 26.93 -25.44 -8.01
N THR A 308 28.20 -25.54 -8.37
CA THR A 308 28.93 -26.82 -8.34
C THR A 308 29.04 -27.37 -6.92
N ALA A 309 29.05 -26.49 -5.92
CA ALA A 309 29.15 -26.90 -4.51
C ALA A 309 27.78 -27.26 -3.94
N TYR A 310 26.77 -26.52 -4.39
CA TYR A 310 25.38 -26.66 -3.96
C TYR A 310 24.81 -27.99 -4.47
N PHE A 311 25.02 -28.26 -5.76
CA PHE A 311 24.56 -29.50 -6.39
C PHE A 311 25.20 -30.75 -5.79
N ASP A 312 26.48 -30.66 -5.42
CA ASP A 312 27.19 -31.78 -4.80
C ASP A 312 26.64 -32.14 -3.42
N LYS A 313 26.31 -31.12 -2.62
CA LYS A 313 25.71 -31.35 -1.30
C LYS A 313 24.31 -31.96 -1.41
N LEU A 314 23.61 -31.63 -2.51
CA LEU A 314 22.26 -32.11 -2.73
C LEU A 314 22.28 -33.55 -3.24
N ASN A 315 23.17 -33.80 -4.20
CA ASN A 315 23.39 -35.12 -4.74
C ASN A 315 23.89 -36.12 -3.69
N GLU A 316 24.67 -35.62 -2.73
CA GLU A 316 25.17 -36.43 -1.60
C GLU A 316 24.04 -36.79 -0.63
N LEU A 317 22.98 -35.98 -0.61
CA LEU A 317 21.82 -36.19 0.24
C LEU A 317 20.63 -36.76 -0.53
N GLY A 318 20.81 -36.89 -1.84
CA GLY A 318 19.77 -37.39 -2.76
C GLY A 318 18.66 -36.38 -3.02
N LYS A 319 18.85 -35.16 -2.51
CA LYS A 319 17.81 -34.11 -2.52
C LYS A 319 17.88 -33.20 -3.76
N LEU A 320 18.74 -33.54 -4.73
CA LEU A 320 18.84 -32.77 -5.98
C LEU A 320 17.69 -33.11 -6.91
N THR A 321 16.49 -32.66 -6.55
CA THR A 321 15.27 -32.96 -7.32
C THR A 321 15.27 -32.27 -8.67
N GLU A 322 14.28 -32.60 -9.49
CA GLU A 322 14.02 -31.90 -10.74
C GLU A 322 13.76 -30.41 -10.51
N ALA A 323 12.92 -30.11 -9.52
CA ALA A 323 12.48 -28.75 -9.22
C ALA A 323 13.60 -27.78 -8.82
N ILE A 324 14.76 -28.33 -8.48
CA ILE A 324 15.96 -27.55 -8.13
C ILE A 324 16.81 -27.30 -9.39
N GLN A 325 16.98 -28.34 -10.21
CA GLN A 325 17.85 -28.30 -11.38
C GLN A 325 17.44 -27.26 -12.42
N CYS A 326 16.13 -27.09 -12.60
CA CYS A 326 15.59 -26.15 -13.58
C CYS A 326 15.60 -24.71 -13.06
N LYS A 327 15.47 -24.55 -11.75
CA LYS A 327 15.44 -23.23 -11.11
C LYS A 327 16.76 -22.80 -10.45
N THR A 328 17.88 -23.24 -11.02
CA THR A 328 19.21 -22.86 -10.55
C THR A 328 20.13 -22.62 -11.75
N VAL A 329 20.51 -21.36 -11.94
CA VAL A 329 21.30 -20.92 -13.10
C VAL A 329 22.61 -20.24 -12.66
N SER A 343 9.56 -10.79 -11.88
CA SER A 343 9.41 -10.75 -10.43
C SER A 343 10.69 -10.31 -9.72
N LEU A 344 11.30 -11.22 -8.94
CA LEU A 344 12.55 -10.97 -8.20
C LEU A 344 13.75 -11.63 -8.89
N ASP A 345 14.88 -10.94 -8.88
CA ASP A 345 16.13 -11.46 -9.42
C ASP A 345 16.71 -12.63 -8.58
N LEU A 346 17.39 -12.26 -7.48
CA LEU A 346 18.15 -13.17 -6.60
C LEU A 346 19.37 -13.84 -7.22
N ALA A 347 20.54 -13.25 -7.02
CA ALA A 347 21.83 -13.90 -7.28
C ALA A 347 22.36 -14.51 -5.98
N ALA A 348 23.24 -15.50 -6.10
CA ALA A 348 23.90 -16.08 -4.94
C ALA A 348 25.38 -16.35 -5.21
N LYS A 349 26.23 -15.93 -4.29
CA LYS A 349 27.66 -16.22 -4.39
C LYS A 349 28.30 -16.37 -3.01
N PHE A 350 29.52 -16.95 -2.98
CA PHE A 350 30.22 -17.13 -1.72
C PHE A 350 30.88 -15.84 -1.20
N VAL A 351 30.99 -15.74 0.11
CA VAL A 351 31.76 -14.70 0.76
C VAL A 351 32.32 -15.32 2.02
N THR A 352 33.65 -15.32 2.15
CA THR A 352 34.34 -16.14 3.15
C THR A 352 34.60 -15.45 4.49
N SER A 353 34.20 -14.20 4.63
CA SER A 353 34.34 -13.47 5.90
C SER A 353 33.41 -12.27 5.89
N THR A 354 33.33 -11.56 7.02
CA THR A 354 32.58 -10.29 7.10
C THR A 354 33.24 -9.24 6.21
N GLU A 355 34.57 -9.13 6.29
CA GLU A 355 35.38 -8.23 5.47
C GLU A 355 35.17 -8.45 3.98
N SER A 356 35.07 -9.70 3.56
CA SER A 356 34.83 -10.00 2.16
C SER A 356 33.40 -9.60 1.71
N ALA A 357 32.40 -9.90 2.54
CA ALA A 357 31.03 -9.41 2.32
C ALA A 357 30.95 -7.89 2.21
N ILE A 358 31.65 -7.18 3.07
CA ILE A 358 31.76 -5.72 3.03
C ILE A 358 32.33 -5.24 1.68
N GLN A 359 33.47 -5.81 1.30
CA GLN A 359 34.11 -5.48 0.02
C GLN A 359 33.16 -5.66 -1.14
N HIS A 360 32.44 -6.78 -1.18
CA HIS A 360 31.47 -7.05 -2.24
C HIS A 360 30.38 -5.98 -2.28
N ILE A 361 29.84 -5.64 -1.11
CA ILE A 361 28.74 -4.67 -0.96
C ILE A 361 29.17 -3.26 -1.39
N ASN A 362 30.41 -2.92 -1.03
CA ASN A 362 30.93 -1.60 -1.33
C ASN A 362 31.28 -1.34 -2.79
N THR A 363 31.10 -2.34 -3.66
CA THR A 363 31.28 -2.16 -5.11
C THR A 363 29.97 -1.77 -5.82
N HIS A 364 28.86 -1.79 -5.08
CA HIS A 364 27.57 -1.42 -5.64
C HIS A 364 27.31 0.08 -5.59
N SER A 365 26.84 0.59 -6.72
CA SER A 365 26.38 1.95 -6.85
C SER A 365 25.25 2.19 -5.85
N SER A 366 25.32 3.34 -5.18
CA SER A 366 24.53 3.58 -3.97
C SER A 366 23.01 3.66 -4.15
N ARG A 367 22.33 3.82 -3.01
CA ARG A 367 20.89 3.61 -2.85
C ARG A 367 20.60 2.11 -2.78
N HIS A 368 21.23 1.44 -1.80
CA HIS A 368 20.90 0.06 -1.48
C HIS A 368 20.93 -0.18 0.03
N THR A 369 20.10 -1.12 0.48
CA THR A 369 20.16 -1.59 1.85
C THR A 369 20.81 -2.96 1.90
N ASP A 370 21.35 -3.32 3.04
CA ASP A 370 22.08 -4.57 3.22
C ASP A 370 21.84 -5.21 4.57
N ALA A 371 21.86 -6.54 4.61
CA ALA A 371 21.56 -7.24 5.83
C ALA A 371 22.66 -8.24 6.16
N ILE A 372 22.93 -8.41 7.45
CA ILE A 372 23.76 -9.51 7.89
C ILE A 372 22.92 -10.41 8.79
N VAL A 373 22.99 -11.72 8.52
CA VAL A 373 22.37 -12.71 9.39
C VAL A 373 23.52 -13.39 10.14
N THR A 374 23.59 -13.15 11.45
CA THR A 374 24.62 -13.75 12.28
C THR A 374 24.20 -13.68 13.75
N GLU A 375 24.74 -14.60 14.55
CA GLU A 375 24.63 -14.54 16.02
C GLU A 375 25.90 -13.96 16.65
N ASN A 376 26.93 -13.79 15.82
CA ASN A 376 28.20 -13.19 16.21
C ASN A 376 28.12 -11.65 16.23
N LYS A 377 28.17 -11.04 17.41
CA LYS A 377 28.00 -9.60 17.54
C LYS A 377 29.20 -8.81 17.03
N ALA A 378 30.40 -9.35 17.20
CA ALA A 378 31.61 -8.67 16.72
C ALA A 378 31.56 -8.52 15.21
N ASN A 379 31.06 -9.53 14.52
CA ASN A 379 30.87 -9.51 13.08
C ASN A 379 29.77 -8.58 12.60
N ALA A 380 28.65 -8.56 13.33
CA ALA A 380 27.52 -7.69 13.02
C ALA A 380 27.92 -6.23 13.09
N GLU A 381 28.65 -5.87 14.16
CA GLU A 381 29.07 -4.49 14.38
C GLU A 381 30.11 -4.06 13.35
N LYS A 382 31.00 -4.97 13.00
CA LYS A 382 31.99 -4.74 11.97
C LYS A 382 31.32 -4.51 10.61
N PHE A 383 30.35 -5.35 10.28
CA PHE A 383 29.56 -5.21 9.06
C PHE A 383 28.87 -3.85 9.00
N LYS A 385 29.48 -1.05 10.68
CA LYS A 385 30.45 0.04 10.59
C LYS A 385 31.12 0.09 9.19
N GLY A 386 31.17 -1.04 8.48
CA GLY A 386 32.02 -1.17 7.32
C GLY A 386 31.37 -0.89 5.98
N VAL A 387 30.08 -1.18 5.89
CA VAL A 387 29.34 -1.06 4.62
C VAL A 387 28.99 0.37 4.20
N ASP A 388 29.00 0.61 2.89
CA ASP A 388 28.50 1.85 2.32
C ASP A 388 27.07 1.60 1.97
N SER A 389 26.15 1.95 2.87
CA SER A 389 24.73 1.64 2.69
C SER A 389 23.89 2.67 3.39
N SER A 390 22.77 3.03 2.76
CA SER A 390 21.76 3.91 3.36
C SER A 390 21.26 3.27 4.64
N GLY A 391 20.95 1.99 4.55
CA GLY A 391 20.31 1.27 5.62
C GLY A 391 20.92 -0.10 5.73
N VAL A 392 21.16 -0.51 6.96
CA VAL A 392 21.73 -1.83 7.21
C VAL A 392 20.95 -2.58 8.31
N TYR A 393 20.70 -3.86 8.08
CA TYR A 393 19.83 -4.70 8.92
C TYR A 393 20.66 -5.79 9.53
N TRP A 394 20.46 -6.03 10.83
CA TRP A 394 21.06 -7.15 11.52
C TRP A 394 19.97 -8.04 12.10
N ASN A 395 19.85 -9.25 11.54
CA ASN A 395 18.80 -10.22 11.87
C ASN A 395 17.36 -9.70 11.66
N ALA A 396 17.14 -8.93 10.60
CA ALA A 396 15.81 -8.42 10.24
C ALA A 396 15.77 -8.27 8.71
N SER A 397 14.57 -8.33 8.12
CA SER A 397 14.40 -8.32 6.66
C SER A 397 14.50 -6.93 6.03
N THR A 398 15.28 -6.81 4.94
CA THR A 398 15.50 -5.54 4.23
C THR A 398 14.21 -4.85 3.71
N ARG A 399 13.14 -5.64 3.59
CA ARG A 399 11.85 -5.15 3.08
C ARG A 399 11.12 -4.23 4.07
N PHE A 400 11.66 -4.08 5.27
CA PHE A 400 11.21 -3.07 6.23
C PHE A 400 11.47 -1.63 5.77
N ALA A 401 11.98 -1.47 4.54
CA ALA A 401 12.22 -0.14 3.95
C ALA A 401 11.00 0.37 3.17
N ASP A 402 9.87 0.43 3.86
CA ASP A 402 8.57 0.94 3.36
C ASP A 402 7.94 0.08 2.27
N VAL A 425 8.53 -1.20 -23.75
CA VAL A 425 8.65 0.20 -23.32
C VAL A 425 7.61 1.08 -24.02
N GLY A 426 6.95 1.96 -23.25
CA GLY A 426 5.99 2.92 -23.78
C GLY A 426 6.44 4.35 -23.51
N LEU A 427 5.58 5.33 -23.78
CA LEU A 427 5.91 6.74 -23.52
C LEU A 427 6.00 7.06 -22.03
N ASP A 428 5.63 6.08 -21.20
CA ASP A 428 5.46 6.26 -19.76
C ASP A 428 6.59 7.06 -19.11
N GLY A 429 7.77 6.45 -19.06
CA GLY A 429 8.87 7.00 -18.28
C GLY A 429 9.80 7.86 -19.08
N LEU A 430 9.31 8.30 -20.24
CA LEU A 430 10.12 9.12 -21.15
C LEU A 430 9.73 10.61 -21.14
N VAL A 431 8.59 10.94 -20.51
CA VAL A 431 8.20 12.35 -20.31
C VAL A 431 8.34 12.72 -18.84
N SER A 432 8.93 13.87 -18.56
CA SER A 432 8.94 14.42 -17.22
C SER A 432 8.00 15.64 -17.14
N TYR A 433 8.22 16.49 -16.15
CA TYR A 433 7.34 17.60 -15.90
C TYR A 433 8.13 18.86 -15.74
N GLN A 434 7.53 19.95 -16.18
CA GLN A 434 8.05 21.30 -16.01
C GLN A 434 6.94 22.10 -15.39
N TYR A 435 7.27 22.93 -14.39
CA TYR A 435 6.32 23.86 -13.82
C TYR A 435 6.50 25.20 -14.52
N GLN A 436 5.38 25.87 -14.75
CA GLN A 436 5.33 27.17 -15.39
C GLN A 436 4.44 28.02 -14.55
N ILE A 437 4.93 29.19 -14.15
CA ILE A 437 4.13 30.17 -13.46
C ILE A 437 4.01 31.37 -14.37
N ARG A 438 2.77 31.80 -14.56
CA ARG A 438 2.45 32.86 -15.49
C ARG A 438 1.68 33.86 -14.69
N GLY A 439 2.34 34.97 -14.37
CA GLY A 439 1.71 36.04 -13.61
C GLY A 439 1.74 37.35 -14.37
N ASP A 440 1.39 38.44 -13.69
CA ASP A 440 1.47 39.76 -14.29
C ASP A 440 2.23 40.75 -13.40
N GLY A 441 3.43 40.34 -12.98
CA GLY A 441 4.33 41.20 -12.22
C GLY A 441 4.31 40.96 -10.73
N GLN A 442 3.83 39.78 -10.32
CA GLN A 442 3.71 39.47 -8.89
C GLN A 442 5.03 38.99 -8.33
N VAL A 443 5.32 39.46 -7.11
CA VAL A 443 6.58 39.18 -6.43
C VAL A 443 6.33 38.50 -5.08
N ALA A 444 7.35 37.81 -4.56
CA ALA A 444 7.20 37.01 -3.35
C ALA A 444 6.84 37.82 -2.10
N SER A 445 6.75 39.14 -2.24
CA SER A 445 6.26 40.02 -1.17
C SER A 445 4.81 40.47 -1.40
N ASP A 446 3.87 39.60 -0.99
CA ASP A 446 2.45 40.00 -0.89
C ASP A 446 1.94 39.89 0.56
N TYR A 447 1.50 41.05 1.08
CA TYR A 447 0.99 41.21 2.46
C TYR A 447 1.42 40.14 3.46
N HIS B 12 -28.83 23.19 35.06
CA HIS B 12 -28.18 23.80 33.85
C HIS B 12 -27.43 22.74 33.04
N SER B 14 -26.66 18.82 32.08
CA SER B 14 -27.38 17.53 32.04
C SER B 14 -26.65 16.39 32.76
N SER B 15 -27.38 15.29 33.00
CA SER B 15 -26.81 14.09 33.63
C SER B 15 -25.70 13.48 32.77
N SER B 16 -25.96 13.31 31.47
CA SER B 16 -24.95 12.92 30.48
C SER B 16 -23.68 13.76 30.53
N GLN B 17 -23.85 15.08 30.63
CA GLN B 17 -22.71 15.99 30.67
C GLN B 17 -21.97 15.88 32.00
N GLN B 18 -22.69 15.63 33.09
CA GLN B 18 -22.08 15.43 34.41
C GLN B 18 -21.23 14.13 34.47
N ILE B 19 -21.81 13.06 33.95
CA ILE B 19 -21.15 11.76 33.82
C ILE B 19 -19.84 11.89 33.04
N ALA B 20 -19.91 12.55 31.88
CA ALA B 20 -18.73 12.76 31.05
C ALA B 20 -17.67 13.63 31.73
N LYS B 21 -18.12 14.66 32.45
CA LYS B 21 -17.21 15.56 33.16
C LYS B 21 -16.54 14.83 34.34
N ASN B 22 -17.29 13.97 35.01
CA ASN B 22 -16.72 13.13 36.07
C ASN B 22 -15.68 12.12 35.58
N ALA B 23 -15.92 11.56 34.39
CA ALA B 23 -14.94 10.70 33.72
C ALA B 23 -13.66 11.44 33.39
N ARG B 24 -13.79 12.66 32.86
CA ARG B 24 -12.63 13.52 32.61
C ARG B 24 -11.82 13.77 33.89
N LYS B 25 -12.49 14.13 34.99
CA LYS B 25 -11.83 14.33 36.30
C LYS B 25 -11.08 13.11 36.80
N ALA B 26 -11.72 11.94 36.71
CA ALA B 26 -11.11 10.68 37.12
C ALA B 26 -9.91 10.33 36.23
N GLY B 27 -10.06 10.56 34.91
CA GLY B 27 -9.00 10.30 33.95
C GLY B 27 -7.77 11.18 34.14
N ASN B 28 -7.99 12.42 34.58
CA ASN B 28 -6.86 13.32 34.87
C ASN B 28 -6.06 12.83 36.06
N ILE B 29 -6.74 12.22 37.03
CA ILE B 29 -6.06 11.60 38.17
C ILE B 29 -5.46 10.25 37.79
N LEU B 30 -6.24 9.41 37.13
CA LEU B 30 -5.81 8.05 36.79
C LEU B 30 -4.52 8.02 35.97
N LYS B 31 -4.31 9.03 35.12
CA LYS B 31 -3.12 9.06 34.28
C LYS B 31 -1.81 9.17 35.10
N THR B 32 -1.94 9.56 36.37
CA THR B 32 -0.79 9.84 37.22
C THR B 32 -0.55 8.78 38.31
N ILE B 33 -1.33 7.71 38.29
CA ILE B 33 -1.21 6.64 39.29
C ILE B 33 -0.20 5.62 38.80
N SER B 34 0.58 5.07 39.72
CA SER B 34 1.64 4.12 39.35
C SER B 34 1.05 2.82 38.80
N ASN B 35 1.86 2.08 38.06
CA ASN B 35 1.51 0.71 37.67
C ASN B 35 1.08 -0.17 38.86
N GLU B 36 1.77 0.00 39.99
CA GLU B 36 1.45 -0.79 41.19
C GLU B 36 0.05 -0.43 41.70
N GLY B 37 -0.30 0.86 41.65
CA GLY B 37 -1.64 1.32 42.03
C GLY B 37 -2.76 0.82 41.10
N ARG B 38 -2.52 0.90 39.79
CA ARG B 38 -3.48 0.47 38.78
C ARG B 38 -3.66 -1.05 38.77
N SER B 39 -2.57 -1.80 38.98
CA SER B 39 -2.61 -3.25 39.03
C SER B 39 -3.26 -3.76 40.32
N ASP B 40 -2.98 -3.04 41.40
CA ASP B 40 -3.40 -3.41 42.73
C ASP B 40 -4.91 -3.40 42.83
N ILE B 41 -5.54 -2.33 42.33
CA ILE B 41 -6.99 -2.24 42.31
C ILE B 41 -7.57 -3.37 41.46
N LEU B 42 -6.86 -3.81 40.42
CA LEU B 42 -7.33 -4.94 39.63
C LEU B 42 -7.37 -6.24 40.42
N TYR B 43 -6.40 -6.41 41.32
CA TYR B 43 -6.35 -7.58 42.21
C TYR B 43 -7.46 -7.55 43.25
N LYS B 44 -7.76 -6.36 43.78
CA LYS B 44 -8.85 -6.16 44.73
C LYS B 44 -10.21 -6.33 44.06
N ILE B 45 -10.32 -5.93 42.79
CA ILE B 45 -11.57 -6.12 42.06
C ILE B 45 -11.81 -7.60 41.80
N HIS B 46 -10.75 -8.31 41.37
CA HIS B 46 -10.74 -9.76 41.19
C HIS B 46 -11.23 -10.50 42.44
N ASP B 47 -10.64 -10.14 43.58
CA ASP B 47 -10.98 -10.72 44.87
C ASP B 47 -12.43 -10.48 45.22
N ALA B 48 -12.90 -9.24 45.00
CA ALA B 48 -14.26 -8.84 45.37
C ALA B 48 -15.30 -9.48 44.49
N LEU B 49 -14.98 -9.68 43.21
CA LEU B 49 -15.86 -10.38 42.28
C LEU B 49 -15.96 -11.88 42.59
N LYS B 50 -14.83 -12.48 42.95
CA LYS B 50 -14.84 -13.87 43.39
C LYS B 50 -15.66 -14.04 44.70
N ALA B 51 -15.45 -13.17 45.68
CA ALA B 51 -16.16 -13.25 46.96
C ALA B 51 -17.69 -13.08 46.80
N ASN B 52 -18.10 -12.35 45.77
CA ASN B 52 -19.50 -12.04 45.55
C ASN B 52 -20.12 -12.81 44.40
N ALA B 53 -19.53 -13.97 44.08
CA ALA B 53 -19.88 -14.72 42.88
C ALA B 53 -21.32 -15.21 42.95
N HIS B 54 -21.73 -15.65 44.13
CA HIS B 54 -23.10 -16.08 44.35
C HIS B 54 -24.11 -14.98 44.01
N ALA B 55 -23.94 -13.79 44.57
CA ALA B 55 -24.78 -12.64 44.19
C ALA B 55 -24.78 -12.28 42.70
N ILE B 56 -23.64 -12.46 42.01
CA ILE B 56 -23.58 -12.22 40.56
C ILE B 56 -24.39 -13.28 39.80
N GLU B 57 -24.31 -14.53 40.28
CA GLU B 57 -25.05 -15.63 39.68
C GLU B 57 -26.56 -15.47 39.85
N GLU B 58 -26.99 -15.07 41.05
CA GLU B 58 -28.41 -14.78 41.27
C GLU B 58 -28.94 -13.72 40.31
N ALA B 59 -28.13 -12.67 40.09
CA ALA B 59 -28.44 -11.57 39.18
C ALA B 59 -28.46 -12.06 37.74
N ASN B 60 -27.44 -12.80 37.33
CA ASN B 60 -27.42 -13.45 36.03
C ASN B 60 -28.64 -14.36 35.78
N LYS B 61 -29.09 -15.08 36.80
CA LYS B 61 -30.28 -15.91 36.71
C LYS B 61 -31.52 -15.13 36.30
N ILE B 62 -31.62 -13.88 36.75
CA ILE B 62 -32.75 -13.03 36.39
C ILE B 62 -32.68 -12.62 34.93
N ASP B 63 -31.46 -12.41 34.43
CA ASP B 63 -31.25 -12.11 33.01
C ASP B 63 -31.67 -13.24 32.09
N LEU B 64 -31.17 -14.45 32.35
CA LEU B 64 -31.59 -15.67 31.65
C LEU B 64 -33.11 -15.86 31.68
N ALA B 65 -33.69 -15.87 32.88
CA ALA B 65 -35.14 -15.99 33.04
C ALA B 65 -35.93 -14.96 32.24
N VAL B 66 -35.47 -13.71 32.22
CA VAL B 66 -36.17 -12.64 31.49
C VAL B 66 -36.07 -12.84 29.98
N ALA B 67 -34.87 -13.17 29.51
CA ALA B 67 -34.59 -13.29 28.07
C ALA B 67 -35.24 -14.52 27.42
N LYS B 68 -35.65 -15.48 28.25
CA LYS B 68 -36.42 -16.65 27.79
C LYS B 68 -37.83 -16.25 27.40
N GLU B 69 -38.37 -15.25 28.08
CA GLU B 69 -39.73 -14.78 27.81
C GLU B 69 -39.72 -13.73 26.70
N THR B 70 -39.25 -12.53 27.01
CA THR B 70 -39.17 -11.43 26.03
C THR B 70 -38.09 -11.70 24.96
N GLY B 71 -38.55 -12.10 23.77
CA GLY B 71 -37.67 -12.62 22.72
C GLY B 71 -37.29 -14.06 23.03
N LEU B 72 -36.13 -14.49 22.52
CA LEU B 72 -35.47 -15.73 22.95
C LEU B 72 -34.10 -15.90 22.29
N ALA B 73 -34.08 -15.87 20.95
CA ALA B 73 -32.87 -16.09 20.11
C ALA B 73 -32.20 -17.47 20.31
N ASP B 74 -31.91 -17.82 21.56
CA ASP B 74 -31.38 -19.14 21.98
C ASP B 74 -29.91 -19.42 21.62
N SER B 75 -29.41 -18.76 20.58
CA SER B 75 -27.98 -18.78 20.28
C SER B 75 -27.29 -17.76 21.17
N LEU B 76 -28.01 -16.67 21.48
CA LEU B 76 -27.54 -15.67 22.43
C LEU B 76 -27.67 -16.13 23.89
N LEU B 77 -28.63 -17.03 24.16
CA LEU B 77 -28.95 -17.46 25.53
C LEU B 77 -27.89 -18.36 26.20
N LYS B 78 -27.15 -19.12 25.41
CA LYS B 78 -25.99 -19.84 25.92
C LYS B 78 -24.83 -18.85 26.12
N ARG B 79 -24.71 -17.88 25.22
CA ARG B 79 -23.70 -16.82 25.33
C ARG B 79 -24.08 -15.73 26.35
N LEU B 80 -25.22 -15.91 27.03
CA LEU B 80 -25.66 -15.01 28.09
C LEU B 80 -25.50 -15.63 29.49
N ASP B 81 -25.23 -16.92 29.55
CA ASP B 81 -25.07 -17.59 30.83
C ASP B 81 -23.62 -17.61 31.31
N LEU B 82 -23.19 -16.48 31.87
CA LEU B 82 -21.89 -16.32 32.53
C LEU B 82 -21.44 -17.46 33.44
N PHE B 83 -22.37 -18.27 33.93
CA PHE B 83 -22.00 -19.33 34.86
C PHE B 83 -22.09 -20.76 34.29
N LYS B 84 -22.27 -20.86 32.98
CA LYS B 84 -22.12 -22.13 32.29
C LYS B 84 -20.63 -22.43 32.06
N GLY B 85 -20.23 -23.65 32.38
CA GLY B 85 -18.83 -24.06 32.23
C GLY B 85 -17.92 -23.33 33.18
N ASP B 86 -16.73 -23.00 32.71
CA ASP B 86 -15.74 -22.28 33.52
C ASP B 86 -15.53 -20.86 32.97
N LYS B 87 -16.60 -20.30 32.40
CA LYS B 87 -16.62 -18.99 31.74
C LYS B 87 -16.34 -17.86 32.74
N PHE B 88 -16.92 -17.98 33.92
CA PHE B 88 -16.72 -17.02 34.99
C PHE B 88 -15.29 -17.04 35.53
N GLU B 89 -14.71 -18.23 35.61
CA GLU B 89 -13.35 -18.40 36.11
C GLU B 89 -12.28 -17.93 35.11
N VAL B 90 -12.56 -18.04 33.82
CA VAL B 90 -11.69 -17.50 32.77
C VAL B 90 -11.71 -15.96 32.78
N LEU B 92 -12.36 -14.09 35.52
CA LEU B 92 -11.51 -13.76 36.67
C LEU B 92 -10.00 -13.90 36.41
N GLN B 93 -9.61 -15.00 35.74
CA GLN B 93 -8.22 -15.17 35.28
C GLN B 93 -7.76 -14.00 34.43
N GLY B 94 -8.60 -13.59 33.47
CA GLY B 94 -8.30 -12.43 32.61
C GLY B 94 -7.96 -11.14 33.33
N ILE B 95 -8.62 -10.84 34.45
CA ILE B 95 -8.31 -9.62 35.21
C ILE B 95 -6.90 -9.70 35.75
N LYS B 96 -6.57 -10.89 36.27
CA LYS B 96 -5.22 -11.21 36.77
C LYS B 96 -4.16 -11.12 35.67
N ASP B 97 -4.44 -11.65 34.49
CA ASP B 97 -3.54 -11.54 33.35
C ASP B 97 -3.26 -10.07 32.99
N VAL B 98 -4.34 -9.30 32.78
CA VAL B 98 -4.22 -7.87 32.49
C VAL B 98 -3.46 -7.13 33.60
N ALA B 99 -3.72 -7.49 34.85
CA ALA B 99 -3.05 -6.85 35.99
C ALA B 99 -1.54 -7.11 35.99
N GLU B 100 -1.16 -8.29 35.48
CA GLU B 100 0.23 -8.78 35.51
C GLU B 100 1.10 -8.23 34.37
N LEU B 101 0.47 -7.59 33.38
CA LEU B 101 1.21 -7.00 32.25
C LEU B 101 2.15 -5.87 32.68
N GLU B 102 3.12 -5.57 31.83
CA GLU B 102 3.99 -4.43 32.04
C GLU B 102 3.17 -3.16 31.78
N ASP B 103 3.47 -2.09 32.49
CA ASP B 103 2.81 -0.81 32.30
C ASP B 103 2.75 -0.44 30.82
N PRO B 104 1.52 -0.26 30.27
CA PRO B 104 1.39 0.18 28.87
C PRO B 104 1.66 1.69 28.68
N VAL B 105 1.88 2.39 29.79
CA VAL B 105 1.91 3.84 29.83
C VAL B 105 3.28 4.27 30.29
N GLY B 106 3.78 5.36 29.74
CA GLY B 106 5.10 5.84 30.09
C GLY B 106 6.25 5.21 29.34
N LYS B 107 5.97 4.34 28.36
CA LYS B 107 7.01 3.67 27.57
C LYS B 107 7.57 4.60 26.50
N VAL B 108 8.90 4.73 26.42
CA VAL B 108 9.52 5.52 25.35
C VAL B 108 9.54 4.73 24.03
N LYS B 109 8.75 5.19 23.07
CA LYS B 109 8.68 4.59 21.73
C LYS B 109 9.74 5.15 20.78
N ALA B 111 13.04 8.34 20.66
CA ALA B 111 13.84 9.45 21.16
C ALA B 111 14.68 10.01 20.02
N ARG B 112 14.81 11.32 19.98
CA ARG B 112 15.55 11.96 18.90
C ARG B 112 16.30 13.20 19.42
N GLU B 113 17.62 13.22 19.24
CA GLU B 113 18.41 14.38 19.61
C GLU B 113 18.21 15.48 18.59
N LEU B 114 17.45 16.50 18.97
CA LEU B 114 17.20 17.67 18.13
C LEU B 114 18.45 18.58 18.05
N ASP B 115 19.20 18.61 19.15
CA ASP B 115 20.38 19.45 19.30
C ASP B 115 21.02 19.07 20.64
N ASP B 116 22.24 19.54 20.90
CA ASP B 116 22.93 19.25 22.16
C ASP B 116 22.11 19.70 23.36
N GLY B 117 21.82 18.74 24.24
CA GLY B 117 20.95 18.97 25.40
C GLY B 117 19.50 19.30 25.05
N LEU B 118 19.12 19.11 23.77
CA LEU B 118 17.72 19.21 23.34
C LEU B 118 17.18 17.91 22.71
N THR B 119 16.32 17.20 23.45
CA THR B 119 15.83 15.90 22.99
C THR B 119 14.31 15.82 22.94
N LEU B 120 13.80 15.23 21.85
CA LEU B 120 12.40 14.87 21.71
C LEU B 120 12.14 13.38 22.10
N TYR B 121 11.05 13.13 22.85
CA TYR B 121 10.58 11.77 23.17
C TYR B 121 9.14 11.60 22.76
N GLN B 122 8.84 10.44 22.19
CA GLN B 122 7.47 9.97 21.99
C GLN B 122 7.18 8.90 23.05
N VAL B 123 6.26 9.20 23.97
CA VAL B 123 5.98 8.36 25.12
C VAL B 123 4.50 7.96 25.10
N THR B 124 4.20 6.69 25.39
CA THR B 124 2.81 6.25 25.48
C THR B 124 2.10 6.92 26.67
N ALA B 125 0.84 7.28 26.43
CA ALA B 125 0.00 7.92 27.42
C ALA B 125 -1.42 7.40 27.20
N PRO B 126 -2.30 7.49 28.22
CA PRO B 126 -3.65 7.03 27.97
C PRO B 126 -4.32 7.86 26.88
N VAL B 127 -5.33 7.29 26.22
CA VAL B 127 -6.22 8.02 25.34
C VAL B 127 -7.01 9.09 26.13
N GLY B 128 -7.48 8.76 27.34
CA GLY B 128 -8.21 9.73 28.15
C GLY B 128 -9.51 9.20 28.74
N VAL B 129 -10.61 9.38 28.01
CA VAL B 129 -11.92 8.84 28.40
C VAL B 129 -12.52 7.94 27.31
N LEU B 130 -12.85 6.71 27.69
CA LEU B 130 -13.42 5.74 26.76
C LEU B 130 -14.90 5.62 26.99
N LEU B 131 -15.68 5.65 25.91
CA LEU B 131 -17.08 5.29 26.00
C LEU B 131 -17.20 3.92 25.35
N VAL B 132 -17.56 2.93 26.15
CA VAL B 132 -17.57 1.55 25.68
C VAL B 132 -19.03 1.14 25.56
N ILE B 133 -19.41 0.79 24.34
CA ILE B 133 -20.80 0.42 24.03
C ILE B 133 -20.80 -0.99 23.49
N PHE B 134 -21.57 -1.84 24.15
CA PHE B 134 -21.45 -3.27 23.94
C PHE B 134 -22.82 -3.94 24.01
N GLU B 135 -22.96 -4.95 23.17
CA GLU B 135 -24.15 -5.78 23.11
C GLU B 135 -23.82 -7.01 23.92
N SER B 136 -24.63 -7.18 24.97
CA SER B 136 -24.28 -7.82 26.24
C SER B 136 -23.85 -9.29 26.26
N ARG B 137 -22.54 -9.49 26.14
CA ARG B 137 -21.89 -10.75 26.51
C ARG B 137 -21.17 -10.43 27.82
N PRO B 138 -21.74 -10.86 28.96
CA PRO B 138 -21.39 -10.38 30.30
C PRO B 138 -19.92 -10.50 30.71
N GLU B 139 -19.17 -11.39 30.05
CA GLU B 139 -17.77 -11.67 30.40
C GLU B 139 -16.81 -10.58 29.97
N VAL B 140 -17.34 -9.51 29.38
CA VAL B 140 -16.46 -8.45 28.82
C VAL B 140 -16.56 -7.12 29.59
N ILE B 141 -17.62 -6.98 30.39
CA ILE B 141 -17.67 -5.92 31.43
C ILE B 141 -16.43 -6.02 32.35
N ALA B 142 -15.77 -7.18 32.34
CA ALA B 142 -14.57 -7.40 33.12
C ALA B 142 -13.30 -7.05 32.33
N ASN B 143 -13.25 -7.47 31.08
CA ASN B 143 -12.03 -7.38 30.28
C ASN B 143 -11.71 -5.94 29.91
N ILE B 144 -12.76 -5.16 29.64
CA ILE B 144 -12.61 -3.75 29.34
C ILE B 144 -12.34 -2.89 30.56
N THR B 145 -13.03 -3.13 31.67
CA THR B 145 -12.69 -2.49 32.95
C THR B 145 -11.19 -2.69 33.26
N ALA B 146 -10.70 -3.93 33.12
CA ALA B 146 -9.32 -4.25 33.46
C ALA B 146 -8.32 -3.49 32.58
N LEU B 147 -8.48 -3.60 31.26
CA LEU B 147 -7.59 -2.96 30.30
C LEU B 147 -7.69 -1.47 30.40
N SER B 148 -8.90 -0.98 30.65
CA SER B 148 -9.10 0.47 30.79
C SER B 148 -8.36 1.04 31.99
N ILE B 149 -8.52 0.43 33.15
CA ILE B 149 -7.80 0.85 34.34
C ILE B 149 -6.27 0.65 34.22
N LYS B 150 -5.86 -0.50 33.69
CA LYS B 150 -4.46 -0.82 33.44
C LYS B 150 -3.81 0.22 32.52
N SER B 151 -4.47 0.59 31.44
CA SER B 151 -3.93 1.62 30.57
C SER B 151 -4.14 3.06 31.03
N GLY B 152 -4.73 3.29 32.21
CA GLY B 152 -4.87 4.65 32.75
C GLY B 152 -6.04 5.48 32.24
N ASN B 153 -7.01 4.81 31.59
CA ASN B 153 -8.17 5.48 30.99
C ASN B 153 -9.37 5.43 31.90
N ALA B 154 -10.13 6.52 32.00
CA ALA B 154 -11.43 6.41 32.64
C ALA B 154 -12.38 5.83 31.60
N ALA B 155 -13.33 5.05 32.05
CA ALA B 155 -14.25 4.37 31.18
C ALA B 155 -15.68 4.62 31.62
N ILE B 156 -16.57 4.81 30.63
CA ILE B 156 -18.01 4.85 30.78
C ILE B 156 -18.52 3.70 29.94
N LEU B 157 -19.32 2.83 30.56
CA LEU B 157 -19.84 1.63 29.91
C LEU B 157 -21.35 1.76 29.76
N LYS B 158 -21.84 1.38 28.58
CA LYS B 158 -23.26 1.27 28.35
C LYS B 158 -23.50 -0.09 27.70
N GLY B 159 -24.35 -0.89 28.36
CA GLY B 159 -24.65 -2.25 27.95
C GLY B 159 -26.01 -2.41 27.29
N GLY B 160 -26.20 -3.56 26.65
CA GLY B 160 -27.49 -3.88 26.02
C GLY B 160 -28.41 -4.63 26.96
N LYS B 161 -29.71 -4.45 26.72
CA LYS B 161 -30.81 -4.91 27.59
C LYS B 161 -30.67 -6.32 28.14
N GLU B 162 -30.07 -7.21 27.34
CA GLU B 162 -30.01 -8.63 27.66
C GLU B 162 -29.37 -8.99 29.01
N SER B 163 -28.41 -8.20 29.50
CA SER B 163 -27.89 -8.46 30.86
C SER B 163 -27.67 -7.26 31.77
N VAL B 164 -28.67 -6.40 31.82
CA VAL B 164 -28.75 -5.31 32.77
C VAL B 164 -28.41 -5.75 34.21
N ASN B 165 -29.02 -6.85 34.65
CA ASN B 165 -28.91 -7.33 36.02
C ASN B 165 -27.51 -7.76 36.45
N THR B 166 -26.83 -8.50 35.58
CA THR B 166 -25.50 -8.98 35.88
C THR B 166 -24.55 -7.80 35.96
N PHE B 167 -24.69 -6.87 35.01
CA PHE B 167 -23.86 -5.67 34.96
C PHE B 167 -24.04 -4.76 36.14
N ARG B 168 -25.30 -4.54 36.53
CA ARG B 168 -25.58 -3.74 37.70
C ARG B 168 -24.98 -4.32 38.99
N GLU B 169 -25.05 -5.65 39.19
CA GLU B 169 -24.36 -6.30 40.31
C GLU B 169 -22.84 -6.13 40.27
N ALA B 171 -21.07 -3.86 38.50
CA ALA B 171 -20.80 -2.42 38.68
C ALA B 171 -20.82 -2.03 40.17
N LYS B 172 -21.76 -2.56 40.93
CA LYS B 172 -21.81 -2.29 42.36
C LYS B 172 -20.60 -2.84 43.13
N ILE B 173 -20.17 -4.06 42.81
CA ILE B 173 -18.97 -4.63 43.44
C ILE B 173 -17.74 -3.81 43.08
N VAL B 174 -17.57 -3.52 41.80
CA VAL B 174 -16.45 -2.73 41.31
C VAL B 174 -16.43 -1.32 41.93
N ASN B 175 -17.56 -0.62 41.92
CA ASN B 175 -17.59 0.73 42.49
C ASN B 175 -17.33 0.79 43.99
N ASP B 176 -17.83 -0.21 44.72
CA ASP B 176 -17.58 -0.32 46.15
C ASP B 176 -16.11 -0.62 46.43
N THR B 177 -15.51 -1.47 45.59
CA THR B 177 -14.12 -1.84 45.76
C THR B 177 -13.21 -0.64 45.48
N ILE B 178 -13.48 0.10 44.41
CA ILE B 178 -12.73 1.32 44.10
C ILE B 178 -12.81 2.35 45.25
N ALA B 179 -14.01 2.67 45.72
CA ALA B 179 -14.19 3.56 46.89
C ALA B 179 -13.45 3.08 48.16
N GLN B 180 -13.47 1.77 48.40
CA GLN B 180 -12.90 1.19 49.60
C GLN B 180 -11.37 1.26 49.63
N PHE B 181 -10.75 1.18 48.47
CA PHE B 181 -9.30 1.07 48.39
C PHE B 181 -8.65 2.26 47.69
N GLN B 182 -9.40 3.37 47.58
CA GLN B 182 -8.94 4.62 46.98
C GLN B 182 -7.70 5.19 47.66
N SER B 183 -7.72 5.26 48.99
CA SER B 183 -6.60 5.81 49.77
C SER B 183 -5.33 4.95 49.67
N GLU B 184 -5.52 3.65 49.47
CA GLU B 184 -4.42 2.72 49.29
C GLU B 184 -3.83 2.71 47.87
N THR B 185 -4.69 2.82 46.85
CA THR B 185 -4.28 2.62 45.46
C THR B 185 -4.08 3.94 44.71
N GLY B 186 -4.92 4.93 45.03
CA GLY B 186 -4.94 6.19 44.31
C GLY B 186 -6.00 6.27 43.21
N VAL B 187 -6.51 5.11 42.80
CA VAL B 187 -7.51 5.01 41.72
C VAL B 187 -8.85 5.55 42.22
N PRO B 188 -9.33 6.64 41.59
CA PRO B 188 -10.47 7.38 42.11
C PRO B 188 -11.83 6.85 41.69
N VAL B 189 -12.81 7.08 42.55
CA VAL B 189 -14.23 6.91 42.25
C VAL B 189 -14.55 7.73 41.00
N GLY B 190 -15.26 7.13 40.03
CA GLY B 190 -15.47 7.79 38.74
C GLY B 190 -14.61 7.23 37.61
N SER B 191 -13.60 6.43 37.95
CA SER B 191 -12.76 5.76 36.94
C SER B 191 -13.57 4.83 36.08
N VAL B 192 -14.56 4.16 36.67
CA VAL B 192 -15.51 3.36 35.90
C VAL B 192 -16.95 3.75 36.25
N GLN B 193 -17.79 3.90 35.23
CA GLN B 193 -19.20 4.27 35.38
C GLN B 193 -20.05 3.48 34.42
N LEU B 194 -21.01 2.73 34.96
CA LEU B 194 -21.96 2.02 34.15
C LEU B 194 -23.18 2.90 34.00
N ILE B 195 -23.64 3.04 32.77
CA ILE B 195 -24.84 3.80 32.48
C ILE B 195 -26.06 2.92 32.76
N GLU B 196 -26.72 3.20 33.88
CA GLU B 196 -28.01 2.59 34.22
C GLU B 196 -29.14 3.45 33.64
N THR B 197 -29.44 3.23 32.35
CA THR B 197 -30.41 4.05 31.57
C THR B 197 -31.67 4.48 32.33
N ASP B 200 -28.45 8.70 29.33
CA ASP B 200 -28.74 8.09 28.04
C ASP B 200 -27.53 8.15 27.09
N VAL B 201 -27.40 7.11 26.26
CA VAL B 201 -26.27 6.94 25.32
C VAL B 201 -26.25 7.99 24.19
N SER B 202 -27.40 8.53 23.84
CA SER B 202 -27.51 9.52 22.76
C SER B 202 -26.94 10.88 23.16
N ASP B 203 -27.19 11.25 24.41
CA ASP B 203 -26.68 12.52 24.92
C ASP B 203 -25.18 12.43 25.26
N LEU B 204 -24.71 11.23 25.64
CA LEU B 204 -23.28 10.98 25.87
C LEU B 204 -22.44 11.07 24.58
N LEU B 205 -22.98 10.58 23.47
CA LEU B 205 -22.28 10.62 22.18
C LEU B 205 -22.06 12.04 21.64
N ASP B 206 -22.77 13.01 22.23
CA ASP B 206 -22.57 14.43 21.96
C ASP B 206 -21.37 15.05 22.72
N GLN B 207 -20.87 14.35 23.74
CA GLN B 207 -19.90 14.94 24.68
C GLN B 207 -18.46 14.82 24.24
N ASP B 208 -18.14 15.27 23.03
CA ASP B 208 -16.78 15.11 22.52
C ASP B 208 -15.73 16.04 23.12
N GLU B 209 -16.14 16.95 23.99
CA GLU B 209 -15.19 17.74 24.79
C GLU B 209 -14.56 16.90 25.89
N TYR B 210 -15.31 15.91 26.35
CA TYR B 210 -14.94 15.10 27.49
C TYR B 210 -14.58 13.66 27.16
N ILE B 211 -15.02 13.15 26.02
CA ILE B 211 -14.85 11.75 25.71
C ILE B 211 -13.95 11.68 24.50
N ASP B 212 -12.93 10.84 24.56
CA ASP B 212 -11.90 10.82 23.54
C ASP B 212 -12.04 9.67 22.55
N LEU B 213 -12.71 8.59 22.93
CA LEU B 213 -12.76 7.41 22.12
C LEU B 213 -14.01 6.60 22.40
N VAL B 214 -14.69 6.17 21.35
CA VAL B 214 -15.80 5.24 21.47
C VAL B 214 -15.29 3.86 21.10
N VAL B 215 -15.56 2.91 21.98
CA VAL B 215 -15.20 1.51 21.73
C VAL B 215 -16.48 0.70 21.55
N PRO B 216 -16.81 0.36 20.30
CA PRO B 216 -18.03 -0.39 20.01
C PRO B 216 -17.76 -1.89 20.08
N ARG B 217 -18.59 -2.64 20.78
CA ARG B 217 -18.46 -4.09 20.77
C ARG B 217 -19.82 -4.70 20.43
N GLY B 218 -20.10 -4.76 19.13
CA GLY B 218 -21.36 -5.32 18.62
C GLY B 218 -21.47 -5.39 17.10
N SER B 219 -22.71 -5.31 16.63
CA SER B 219 -23.02 -5.49 15.22
C SER B 219 -22.71 -4.26 14.38
N ASN B 220 -22.66 -4.47 13.06
CA ASN B 220 -22.42 -3.42 12.08
C ASN B 220 -23.48 -2.31 12.13
N ALA B 221 -24.70 -2.68 12.52
CA ALA B 221 -25.80 -1.73 12.68
C ALA B 221 -25.60 -0.84 13.90
N LEU B 222 -25.00 -1.38 14.96
CA LEU B 222 -24.61 -0.61 16.14
C LEU B 222 -23.50 0.40 15.79
N VAL B 223 -22.41 -0.07 15.22
CA VAL B 223 -21.35 0.81 14.72
C VAL B 223 -21.89 1.93 13.78
N ARG B 224 -22.74 1.56 12.82
CA ARG B 224 -23.41 2.53 11.95
C ARG B 224 -24.17 3.62 12.69
N LYS B 225 -24.98 3.23 13.68
CA LYS B 225 -25.76 4.19 14.45
C LYS B 225 -24.88 5.08 15.33
N ILE B 226 -23.82 4.49 15.88
CA ILE B 226 -22.82 5.24 16.65
C ILE B 226 -22.14 6.28 15.77
N LYS B 227 -21.56 5.82 14.66
CA LYS B 227 -20.80 6.67 13.76
C LYS B 227 -21.61 7.88 13.22
N ASP B 228 -22.93 7.68 13.09
CA ASP B 228 -23.86 8.71 12.61
C ASP B 228 -24.29 9.73 13.65
N THR B 229 -24.12 9.41 14.93
CA THR B 229 -24.55 10.34 15.97
C THR B 229 -23.41 10.91 16.81
N THR B 230 -22.20 10.94 16.25
CA THR B 230 -21.04 11.35 17.05
C THR B 230 -19.88 11.96 16.30
N LYS B 231 -19.27 12.97 16.91
CA LYS B 231 -17.99 13.52 16.46
C LYS B 231 -16.82 12.80 17.12
N ILE B 232 -17.09 12.14 18.26
CA ILE B 232 -16.06 11.36 18.96
C ILE B 232 -15.47 10.30 18.03
N PRO B 233 -14.13 10.16 17.98
CA PRO B 233 -13.55 9.05 17.21
C PRO B 233 -14.03 7.69 17.71
N VAL B 234 -14.08 6.72 16.81
CA VAL B 234 -14.65 5.43 17.05
C VAL B 234 -13.57 4.44 16.70
N LEU B 235 -13.18 3.61 17.67
CA LEU B 235 -12.08 2.67 17.50
C LEU B 235 -12.33 1.68 16.35
N GLY B 236 -11.38 1.64 15.42
CA GLY B 236 -11.46 0.73 14.28
C GLY B 236 -12.24 1.29 13.10
N HIS B 237 -12.78 2.49 13.24
CA HIS B 237 -13.64 3.08 12.22
C HIS B 237 -13.35 4.57 12.06
N ALA B 238 -12.26 4.86 11.35
CA ALA B 238 -11.83 6.23 11.03
C ALA B 238 -12.83 7.00 10.16
N ASP B 239 -13.32 6.34 9.11
CA ASP B 239 -14.18 6.99 8.12
C ASP B 239 -15.64 6.73 8.42
N GLY B 240 -16.48 7.67 8.04
CA GLY B 240 -17.92 7.49 8.14
C GLY B 240 -18.48 6.56 7.09
N ILE B 241 -19.80 6.58 6.97
CA ILE B 241 -20.51 5.79 5.98
C ILE B 241 -20.37 6.47 4.62
N CYS B 242 -19.76 5.78 3.66
CA CYS B 242 -19.65 6.24 2.28
C CYS B 242 -20.83 5.69 1.46
N SER B 243 -21.32 6.49 0.52
CA SER B 243 -22.53 6.16 -0.23
C SER B 243 -22.32 6.25 -1.71
N ILE B 244 -22.98 5.37 -2.43
CA ILE B 244 -22.96 5.38 -3.89
C ILE B 244 -24.41 5.45 -4.31
N TYR B 245 -24.76 6.54 -4.98
CA TYR B 245 -26.07 6.70 -5.57
C TYR B 245 -26.05 6.19 -7.01
N LEU B 246 -26.87 5.20 -7.29
CA LEU B 246 -27.06 4.74 -8.66
C LEU B 246 -28.30 5.38 -9.28
N ASP B 247 -28.06 6.40 -10.09
CA ASP B 247 -29.11 7.22 -10.67
C ASP B 247 -29.89 6.48 -11.78
N GLU B 248 -31.12 6.91 -12.03
CA GLU B 248 -31.93 6.41 -13.14
C GLU B 248 -31.11 6.30 -14.43
N ASP B 249 -30.22 7.25 -14.67
CA ASP B 249 -29.43 7.25 -15.89
C ASP B 249 -28.02 6.67 -15.74
N ALA B 250 -27.84 5.80 -14.73
CA ALA B 250 -26.58 5.08 -14.55
C ALA B 250 -26.32 4.14 -15.72
N ASP B 251 -25.07 4.10 -16.14
CA ASP B 251 -24.61 3.08 -17.05
C ASP B 251 -24.38 1.82 -16.22
N LEU B 252 -25.00 0.70 -16.63
CA LEU B 252 -24.97 -0.53 -15.85
C LEU B 252 -23.58 -1.11 -15.71
N ILE B 253 -22.78 -1.04 -16.77
CA ILE B 253 -21.39 -1.52 -16.70
C ILE B 253 -20.60 -0.68 -15.69
N LYS B 254 -20.66 0.65 -15.79
CA LYS B 254 -20.02 1.53 -14.78
C LYS B 254 -20.55 1.23 -13.37
N ALA B 255 -21.87 1.14 -13.23
CA ALA B 255 -22.50 0.85 -11.93
C ALA B 255 -21.99 -0.44 -11.27
N LYS B 256 -21.92 -1.54 -12.02
CA LYS B 256 -21.36 -2.81 -11.52
C LYS B 256 -19.90 -2.72 -11.08
N ARG B 257 -19.06 -2.16 -11.94
CA ARG B 257 -17.65 -1.96 -11.62
C ARG B 257 -17.48 -1.12 -10.37
N ILE B 258 -17.99 0.11 -10.41
CA ILE B 258 -17.83 1.05 -9.29
C ILE B 258 -18.31 0.44 -7.98
N SER B 259 -19.47 -0.19 -7.98
CA SER B 259 -20.03 -0.72 -6.76
C SER B 259 -19.31 -1.97 -6.26
N LEU B 260 -18.81 -2.80 -7.17
CA LEU B 260 -18.01 -3.97 -6.79
C LEU B 260 -16.70 -3.56 -6.11
N ASP B 261 -16.05 -2.54 -6.65
CA ASP B 261 -14.78 -2.02 -6.13
C ASP B 261 -14.85 -1.50 -4.69
N ALA B 262 -16.02 -1.01 -4.28
CA ALA B 262 -16.24 -0.59 -2.90
C ALA B 262 -15.93 -1.72 -1.93
N LYS B 263 -16.39 -2.93 -2.26
CA LYS B 263 -16.17 -4.11 -1.42
C LYS B 263 -14.75 -4.64 -1.59
N THR B 264 -14.55 -5.44 -2.65
CA THR B 264 -13.23 -5.96 -3.03
C THR B 264 -12.14 -4.87 -3.07
N ASN B 265 -11.67 -4.45 -1.89
CA ASN B 265 -10.64 -3.42 -1.76
C ASN B 265 -10.28 -3.11 -0.31
N ASN B 271 -14.23 -3.84 5.65
CA ASN B 271 -13.95 -2.99 6.82
C ASN B 271 -14.61 -1.60 6.74
N ALA B 272 -14.77 -1.09 5.52
CA ALA B 272 -15.46 0.18 5.28
C ALA B 272 -16.98 -0.01 5.40
N GLU B 274 -20.43 0.98 3.70
CA GLU B 274 -20.90 1.46 2.43
C GLU B 274 -22.42 1.39 2.35
N THR B 275 -23.03 2.38 1.72
CA THR B 275 -24.46 2.34 1.44
C THR B 275 -24.69 2.53 -0.05
N LEU B 276 -25.46 1.60 -0.59
CA LEU B 276 -25.88 1.66 -1.98
C LEU B 276 -27.23 2.35 -2.03
N LEU B 277 -27.31 3.55 -2.60
CA LEU B 277 -28.57 4.24 -2.77
C LEU B 277 -29.05 4.02 -4.20
N ILE B 278 -30.17 3.31 -4.36
CA ILE B 278 -30.60 2.81 -5.67
C ILE B 278 -31.86 3.50 -6.18
N ASN B 279 -31.75 4.14 -7.35
CA ASN B 279 -32.94 4.67 -8.04
C ASN B 279 -33.71 3.51 -8.69
N PRO B 280 -34.95 3.28 -8.25
CA PRO B 280 -35.76 2.17 -8.80
C PRO B 280 -36.07 2.26 -10.32
N LYS B 281 -35.94 3.44 -10.90
CA LYS B 281 -36.08 3.58 -12.36
C LYS B 281 -34.80 3.22 -13.11
N PHE B 282 -33.71 2.98 -12.39
CA PHE B 282 -32.48 2.48 -12.99
C PHE B 282 -32.71 1.04 -13.44
N SER B 283 -32.70 0.86 -14.76
CA SER B 283 -32.98 -0.42 -15.39
C SER B 283 -31.91 -1.47 -15.04
N LYS B 284 -32.37 -2.65 -14.62
CA LYS B 284 -31.50 -3.78 -14.20
C LYS B 284 -30.66 -3.54 -12.94
N TRP B 285 -31.14 -2.67 -12.05
CA TRP B 285 -30.44 -2.38 -10.79
C TRP B 285 -30.25 -3.65 -9.93
N TRP B 286 -31.12 -4.63 -10.11
CA TRP B 286 -30.98 -5.93 -9.41
C TRP B 286 -29.74 -6.70 -9.83
N GLU B 287 -29.23 -6.41 -11.03
CA GLU B 287 -28.03 -7.07 -11.52
C GLU B 287 -26.78 -6.51 -10.86
N VAL B 288 -26.89 -5.31 -10.31
CA VAL B 288 -25.81 -4.75 -9.51
C VAL B 288 -25.68 -5.50 -8.18
N LEU B 289 -26.82 -5.79 -7.55
CA LEU B 289 -26.85 -6.54 -6.30
C LEU B 289 -26.52 -8.02 -6.48
N GLU B 290 -27.01 -8.61 -7.57
CA GLU B 290 -26.66 -9.98 -7.95
C GLU B 290 -25.16 -10.08 -8.13
N ASN B 291 -24.60 -9.12 -8.84
CA ASN B 291 -23.18 -9.10 -9.12
C ASN B 291 -22.34 -8.98 -7.85
N LEU B 292 -22.79 -8.17 -6.89
CA LEU B 292 -22.10 -8.04 -5.61
C LEU B 292 -22.11 -9.36 -4.83
N THR B 293 -23.29 -9.97 -4.71
CA THR B 293 -23.43 -11.21 -3.97
C THR B 293 -22.72 -12.39 -4.66
N LEU B 294 -22.95 -12.57 -5.95
CA LEU B 294 -22.45 -13.75 -6.66
C LEU B 294 -20.99 -13.64 -7.08
N GLU B 295 -20.56 -12.46 -7.52
CA GLU B 295 -19.16 -12.30 -7.94
C GLU B 295 -18.26 -11.82 -6.79
N GLY B 296 -18.79 -11.00 -5.90
CA GLY B 296 -18.00 -10.40 -4.82
C GLY B 296 -18.14 -11.04 -3.44
N GLY B 297 -19.10 -11.94 -3.29
CA GLY B 297 -19.38 -12.61 -2.01
C GLY B 297 -20.00 -11.75 -0.91
N VAL B 298 -20.50 -10.57 -1.31
CA VAL B 298 -20.99 -9.57 -0.36
C VAL B 298 -22.39 -9.88 0.13
N THR B 299 -22.60 -9.73 1.45
CA THR B 299 -23.92 -9.78 2.06
C THR B 299 -24.57 -8.40 1.96
N ILE B 300 -25.79 -8.38 1.43
CA ILE B 300 -26.51 -7.14 1.27
C ILE B 300 -27.52 -6.97 2.39
N HIS B 301 -27.40 -5.87 3.13
CA HIS B 301 -28.35 -5.52 4.18
C HIS B 301 -29.35 -4.53 3.61
N ALA B 302 -30.45 -5.05 3.07
CA ALA B 302 -31.45 -4.28 2.37
C ALA B 302 -32.51 -3.77 3.33
N THR B 303 -33.16 -2.67 2.99
CA THR B 303 -34.38 -2.29 3.69
C THR B 303 -35.46 -3.27 3.26
N LYS B 304 -36.55 -3.34 4.04
CA LYS B 304 -37.65 -4.26 3.76
C LYS B 304 -38.22 -4.10 2.35
N ASP B 305 -38.48 -2.86 1.95
CA ASP B 305 -39.08 -2.59 0.66
C ASP B 305 -38.16 -2.84 -0.54
N LEU B 306 -36.84 -2.69 -0.34
CA LEU B 306 -35.87 -3.02 -1.37
C LEU B 306 -35.70 -4.53 -1.51
N LYS B 307 -35.61 -5.27 -0.40
CA LYS B 307 -35.55 -6.74 -0.46
C LYS B 307 -36.78 -7.36 -1.13
N THR B 308 -37.96 -6.84 -0.80
CA THR B 308 -39.22 -7.31 -1.42
C THR B 308 -39.16 -7.16 -2.94
N ALA B 309 -38.91 -5.93 -3.40
CA ALA B 309 -38.84 -5.62 -4.84
C ALA B 309 -37.76 -6.42 -5.56
N TYR B 310 -36.64 -6.61 -4.88
CA TYR B 310 -35.49 -7.36 -5.40
C TYR B 310 -35.80 -8.86 -5.54
N PHE B 311 -36.44 -9.45 -4.54
CA PHE B 311 -36.79 -10.87 -4.57
C PHE B 311 -37.91 -11.15 -5.58
N ASP B 312 -38.90 -10.26 -5.62
CA ASP B 312 -39.98 -10.34 -6.60
C ASP B 312 -39.45 -10.28 -8.03
N LYS B 313 -38.44 -9.45 -8.28
CA LYS B 313 -37.86 -9.34 -9.61
C LYS B 313 -37.07 -10.59 -10.01
N LEU B 314 -36.22 -11.08 -9.11
CA LEU B 314 -35.41 -12.27 -9.37
C LEU B 314 -36.29 -13.52 -9.50
N ASN B 315 -37.42 -13.48 -8.83
CA ASN B 315 -38.39 -14.57 -8.90
C ASN B 315 -39.02 -14.63 -10.29
N GLU B 316 -39.52 -13.49 -10.74
CA GLU B 316 -40.08 -13.32 -12.06
C GLU B 316 -39.06 -13.76 -13.14
N LEU B 317 -37.78 -13.48 -12.90
CA LEU B 317 -36.73 -13.84 -13.86
C LEU B 317 -36.29 -15.31 -13.77
N GLY B 318 -36.70 -16.00 -12.69
CA GLY B 318 -36.25 -17.36 -12.37
C GLY B 318 -34.88 -17.42 -11.71
N LYS B 319 -34.43 -16.29 -11.15
CA LYS B 319 -33.05 -16.15 -10.69
C LYS B 319 -32.82 -16.05 -9.17
N LEU B 320 -33.88 -16.24 -8.39
CA LEU B 320 -33.80 -16.16 -6.94
C LEU B 320 -33.23 -17.45 -6.35
N THR B 321 -31.94 -17.67 -6.56
CA THR B 321 -31.26 -18.87 -6.07
C THR B 321 -31.07 -18.81 -4.56
N GLU B 322 -30.61 -19.92 -3.98
CA GLU B 322 -30.32 -19.99 -2.54
C GLU B 322 -29.10 -19.15 -2.16
N ALA B 323 -28.14 -19.03 -3.08
CA ALA B 323 -26.92 -18.26 -2.86
C ALA B 323 -27.21 -16.78 -2.59
N ILE B 324 -28.28 -16.27 -3.22
CA ILE B 324 -28.76 -14.91 -3.03
C ILE B 324 -29.57 -14.75 -1.73
N GLN B 325 -30.41 -15.74 -1.43
CA GLN B 325 -31.36 -15.68 -0.31
C GLN B 325 -30.71 -15.61 1.07
N CYS B 326 -29.62 -16.35 1.23
CA CYS B 326 -28.92 -16.41 2.50
C CYS B 326 -28.03 -15.18 2.72
N LYS B 327 -27.65 -14.53 1.62
CA LYS B 327 -26.78 -13.33 1.64
C LYS B 327 -27.53 -12.03 1.29
N THR B 328 -28.84 -12.05 1.48
CA THR B 328 -29.67 -10.84 1.40
C THR B 328 -30.56 -10.85 2.64
N VAL B 329 -30.24 -9.98 3.59
CA VAL B 329 -30.94 -9.92 4.88
C VAL B 329 -31.62 -8.58 5.10
N ASP B 330 -32.67 -8.57 5.93
CA ASP B 330 -33.35 -7.33 6.32
C ASP B 330 -32.55 -6.64 7.41
N ALA B 331 -32.23 -5.36 7.19
CA ALA B 331 -31.50 -4.54 8.15
C ALA B 331 -32.25 -4.47 9.49
N ASP B 332 -31.63 -5.04 10.53
CA ASP B 332 -32.23 -5.14 11.87
C ASP B 332 -31.34 -4.56 12.98
N SER B 343 -14.59 -8.56 6.66
CA SER B 343 -15.93 -8.50 6.07
C SER B 343 -16.43 -7.05 5.96
N LEU B 344 -16.73 -6.64 4.72
CA LEU B 344 -17.27 -5.29 4.44
C LEU B 344 -18.78 -5.23 4.64
N ASP B 345 -19.21 -4.14 5.27
CA ASP B 345 -20.62 -3.88 5.57
C ASP B 345 -21.28 -3.10 4.43
N LEU B 346 -22.12 -3.79 3.64
CA LEU B 346 -22.85 -3.12 2.55
C LEU B 346 -24.36 -3.05 2.75
N ALA B 347 -24.86 -1.84 3.01
CA ALA B 347 -26.29 -1.58 3.10
C ALA B 347 -26.85 -1.13 1.75
N ALA B 348 -28.12 -1.42 1.51
CA ALA B 348 -28.77 -1.06 0.27
C ALA B 348 -30.16 -0.49 0.53
N LYS B 349 -30.50 0.61 -0.14
CA LYS B 349 -31.86 1.16 -0.08
C LYS B 349 -32.23 1.98 -1.31
N PHE B 350 -33.51 2.29 -1.41
CA PHE B 350 -34.03 3.06 -2.51
C PHE B 350 -33.83 4.53 -2.30
N VAL B 351 -33.53 5.24 -3.39
CA VAL B 351 -33.55 6.68 -3.43
C VAL B 351 -34.18 7.10 -4.76
N THR B 352 -35.28 7.84 -4.69
CA THR B 352 -36.10 8.07 -5.87
C THR B 352 -35.66 9.24 -6.74
N SER B 353 -34.67 10.02 -6.30
CA SER B 353 -34.18 11.15 -7.08
C SER B 353 -32.80 11.56 -6.59
N THR B 354 -32.13 12.43 -7.35
CA THR B 354 -30.86 13.00 -6.90
C THR B 354 -31.04 13.75 -5.57
N GLU B 355 -32.06 14.60 -5.49
CA GLU B 355 -32.43 15.34 -4.31
C GLU B 355 -32.60 14.47 -3.06
N SER B 356 -33.28 13.35 -3.23
CA SER B 356 -33.47 12.36 -2.16
C SER B 356 -32.17 11.65 -1.74
N ALA B 357 -31.28 11.39 -2.69
CA ALA B 357 -29.95 10.83 -2.36
C ALA B 357 -29.13 11.81 -1.55
N ILE B 358 -29.21 13.10 -1.90
CA ILE B 358 -28.52 14.16 -1.16
C ILE B 358 -28.98 14.24 0.30
N GLN B 359 -30.28 14.16 0.53
CA GLN B 359 -30.82 14.12 1.87
C GLN B 359 -30.29 12.96 2.72
N HIS B 360 -30.31 11.74 2.19
CA HIS B 360 -29.79 10.56 2.88
C HIS B 360 -28.32 10.71 3.26
N ILE B 361 -27.54 11.19 2.30
CA ILE B 361 -26.12 11.41 2.49
C ILE B 361 -25.86 12.50 3.55
N ASN B 362 -26.73 13.49 3.58
CA ASN B 362 -26.52 14.63 4.47
C ASN B 362 -26.90 14.32 5.93
N THR B 363 -27.43 13.12 6.19
CA THR B 363 -27.73 12.73 7.57
C THR B 363 -26.52 12.08 8.28
N HIS B 364 -25.41 11.86 7.58
CA HIS B 364 -24.22 11.22 8.19
C HIS B 364 -23.23 12.20 8.82
N SER B 365 -22.79 11.89 10.05
CA SER B 365 -21.68 12.60 10.68
C SER B 365 -20.41 12.44 9.85
N SER B 366 -19.80 13.57 9.53
CA SER B 366 -18.90 13.68 8.39
C SER B 366 -17.57 12.89 8.46
N ARG B 367 -16.65 13.21 7.55
CA ARG B 367 -15.56 12.32 7.13
C ARG B 367 -16.16 11.14 6.34
N HIS B 368 -16.83 11.46 5.23
CA HIS B 368 -17.32 10.46 4.27
C HIS B 368 -17.17 10.96 2.85
N THR B 369 -16.96 10.05 1.92
CA THR B 369 -16.90 10.39 0.51
C THR B 369 -18.12 9.76 -0.16
N ASP B 370 -18.61 10.39 -1.23
CA ASP B 370 -19.83 9.95 -1.87
C ASP B 370 -19.67 9.91 -3.35
N ALA B 371 -20.35 8.96 -3.99
CA ALA B 371 -20.31 8.83 -5.42
C ALA B 371 -21.70 8.81 -6.05
N ILE B 372 -21.79 9.41 -7.22
CA ILE B 372 -22.93 9.23 -8.07
C ILE B 372 -22.52 8.51 -9.36
N VAL B 373 -23.28 7.49 -9.76
CA VAL B 373 -23.12 6.87 -11.07
C VAL B 373 -24.28 7.31 -11.94
N THR B 374 -23.99 8.19 -12.90
CA THR B 374 -25.02 8.65 -13.83
C THR B 374 -24.40 9.16 -15.13
N GLU B 375 -25.20 9.14 -16.19
CA GLU B 375 -24.84 9.71 -17.48
C GLU B 375 -25.49 11.08 -17.62
N ASN B 376 -26.48 11.33 -16.78
CA ASN B 376 -27.16 12.60 -16.72
C ASN B 376 -26.32 13.68 -16.02
N LYS B 377 -25.82 14.64 -16.79
CA LYS B 377 -24.85 15.62 -16.31
C LYS B 377 -25.44 16.65 -15.35
N ALA B 378 -26.69 17.06 -15.60
CA ALA B 378 -27.39 17.95 -14.68
C ALA B 378 -27.60 17.32 -13.29
N ASN B 379 -27.89 16.02 -13.24
CA ASN B 379 -28.01 15.31 -11.97
C ASN B 379 -26.68 15.23 -11.23
N ALA B 380 -25.61 14.84 -11.93
CA ALA B 380 -24.27 14.77 -11.37
C ALA B 380 -23.82 16.08 -10.74
N GLU B 381 -24.21 17.18 -11.37
CA GLU B 381 -23.84 18.52 -10.98
C GLU B 381 -24.60 18.94 -9.74
N LYS B 382 -25.90 18.62 -9.72
CA LYS B 382 -26.75 18.87 -8.56
C LYS B 382 -26.20 18.13 -7.34
N PHE B 383 -25.90 16.84 -7.53
CA PHE B 383 -25.34 15.98 -6.52
C PHE B 383 -24.06 16.55 -5.94
N LYS B 385 -22.80 19.59 -6.08
CA LYS B 385 -23.03 20.85 -5.41
C LYS B 385 -23.74 20.64 -4.05
N GLY B 386 -24.65 19.65 -3.97
CA GLY B 386 -25.57 19.45 -2.84
C GLY B 386 -25.08 18.67 -1.62
N VAL B 387 -24.20 17.69 -1.83
CA VAL B 387 -23.71 16.84 -0.75
C VAL B 387 -22.76 17.52 0.26
N ASP B 388 -22.93 17.14 1.52
CA ASP B 388 -22.02 17.52 2.61
C ASP B 388 -21.03 16.40 2.66
N SER B 389 -19.90 16.60 2.02
CA SER B 389 -18.99 15.48 1.82
C SER B 389 -17.58 16.03 1.59
N SER B 390 -16.58 15.27 2.05
CA SER B 390 -15.16 15.62 1.85
C SER B 390 -14.83 15.65 0.33
N GLY B 391 -14.88 14.46 -0.26
CA GLY B 391 -14.69 14.36 -1.69
C GLY B 391 -15.93 13.78 -2.30
N VAL B 392 -16.21 14.21 -3.52
CA VAL B 392 -17.36 13.69 -4.24
C VAL B 392 -16.91 13.16 -5.60
N TYR B 393 -17.50 12.03 -6.01
CA TYR B 393 -17.12 11.25 -7.17
C TYR B 393 -18.24 11.12 -8.18
N TRP B 394 -17.91 11.32 -9.45
CA TRP B 394 -18.87 11.13 -10.50
C TRP B 394 -18.33 10.07 -11.47
N ASN B 395 -18.98 8.90 -11.53
CA ASN B 395 -18.54 7.79 -12.38
C ASN B 395 -17.11 7.31 -12.13
N ALA B 396 -16.72 7.20 -10.86
CA ALA B 396 -15.40 6.73 -10.48
C ALA B 396 -15.54 6.25 -9.06
N SER B 397 -14.75 5.26 -8.69
CA SER B 397 -14.86 4.64 -7.38
C SER B 397 -14.31 5.51 -6.27
N THR B 398 -15.02 5.56 -5.14
CA THR B 398 -14.60 6.30 -3.95
C THR B 398 -13.36 5.69 -3.28
N ARG B 399 -12.87 4.58 -3.83
CA ARG B 399 -11.69 3.91 -3.29
C ARG B 399 -10.40 4.67 -3.59
N PHE B 400 -10.42 5.51 -4.62
CA PHE B 400 -9.30 6.40 -4.93
C PHE B 400 -8.93 7.33 -3.76
N ALA B 401 -9.81 7.40 -2.76
CA ALA B 401 -9.62 8.27 -1.59
C ALA B 401 -8.44 7.88 -0.69
N ASP B 402 -7.73 6.83 -1.08
CA ASP B 402 -6.56 6.33 -0.33
C ASP B 402 -5.27 6.57 -1.11
N GLY B 403 -4.75 7.79 -1.01
CA GLY B 403 -3.59 8.21 -1.78
C GLY B 403 -3.70 9.67 -2.18
N GLY B 426 -7.51 -5.83 22.87
CA GLY B 426 -6.25 -5.70 23.60
C GLY B 426 -6.05 -4.29 24.09
N LEU B 427 -4.84 -3.97 24.55
CA LEU B 427 -4.49 -2.62 25.00
C LEU B 427 -4.17 -1.70 23.83
N ASP B 428 -4.23 -2.27 22.63
CA ASP B 428 -3.70 -1.64 21.41
C ASP B 428 -4.16 -0.19 21.23
N GLY B 429 -5.44 -0.01 20.92
CA GLY B 429 -6.01 1.30 20.64
C GLY B 429 -6.26 2.15 21.88
N LEU B 430 -5.92 1.61 23.06
CA LEU B 430 -6.21 2.26 24.35
C LEU B 430 -5.12 3.19 24.91
N VAL B 431 -3.95 3.22 24.24
CA VAL B 431 -2.91 4.21 24.53
C VAL B 431 -2.64 5.08 23.31
N SER B 432 -2.42 6.38 23.54
CA SER B 432 -1.92 7.27 22.50
C SER B 432 -0.49 7.71 22.85
N TYR B 433 -0.07 8.85 22.36
CA TYR B 433 1.32 9.30 22.51
C TYR B 433 1.35 10.74 23.01
N GLN B 434 2.28 11.01 23.92
CA GLN B 434 2.67 12.36 24.24
C GLN B 434 4.05 12.60 23.68
N TYR B 435 4.28 13.81 23.15
CA TYR B 435 5.60 14.28 22.75
C TYR B 435 6.20 15.15 23.85
N GLN B 436 7.42 14.83 24.26
CA GLN B 436 8.14 15.63 25.25
C GLN B 436 9.39 16.23 24.66
N ILE B 437 9.56 17.54 24.84
CA ILE B 437 10.81 18.20 24.49
C ILE B 437 11.55 18.60 25.77
N ARG B 438 12.69 17.95 26.00
CA ARG B 438 13.50 18.20 27.16
C ARG B 438 14.75 18.97 26.75
N GLY B 439 14.81 20.22 27.15
CA GLY B 439 15.89 21.11 26.75
C GLY B 439 16.68 21.66 27.90
N ASP B 440 17.61 22.56 27.58
CA ASP B 440 18.38 23.27 28.61
C ASP B 440 18.30 24.81 28.49
N GLY B 441 17.17 25.31 28.01
CA GLY B 441 16.94 26.76 27.93
C GLY B 441 16.79 27.24 26.50
N GLN B 442 16.75 26.31 25.55
CA GLN B 442 16.71 26.66 24.13
C GLN B 442 15.41 27.32 23.72
N VAL B 443 15.54 28.37 22.92
CA VAL B 443 14.40 29.07 22.35
C VAL B 443 14.52 29.02 20.83
N ALA B 444 13.42 29.30 20.14
CA ALA B 444 13.37 29.27 18.68
C ALA B 444 14.39 30.17 17.95
N SER B 445 15.00 31.14 18.66
CA SER B 445 16.12 31.93 18.10
C SER B 445 17.33 31.01 17.89
N ASP B 446 17.35 30.40 16.70
CA ASP B 446 18.07 29.16 16.40
C ASP B 446 18.81 29.25 15.07
N TYR B 447 20.14 29.25 15.14
CA TYR B 447 20.98 29.34 13.96
C TYR B 447 21.44 30.76 13.69
#